data_5ANQ
#
_entry.id   5ANQ
#
_cell.length_a   100.694
_cell.length_b   149.271
_cell.length_c   57.527
_cell.angle_alpha   90.00
_cell.angle_beta   90.00
_cell.angle_gamma   90.00
#
_symmetry.space_group_name_H-M   'P 21 21 2'
#
loop_
_entity.id
_entity.type
_entity.pdbx_description
1 polymer 'LYSINE-SPECIFIC DEMETHYLASE 4A'
2 non-polymer '2-{2-[(pyridin-3-ylmethyl)amino]pyrimidin-4-yl}pyridine-4-carboxylic acid'
3 non-polymer 'FE (II) ION'
4 non-polymer 'SULFATE ION'
5 non-polymer 'ZINC ION'
6 non-polymer 'CHLORIDE ION'
7 water water
#
_entity_poly.entity_id   1
_entity_poly.type   'polypeptide(L)'
_entity_poly.pdbx_seq_one_letter_code
;MASESETLNPSARIMTFYPTMEEFRNFSRYIAYIESQGAHRAGLAKVVPPKEWKPRASYDDIDDLVIPAPIQQLVTGQSG
LFTQYNIQKKAMTVREFRKIANSDKYCTPRYSEFEELERKYWKNLTFNPPIYGADVNGTLYEKHVDEWNIGRLRTILDLV
EKESGITIEGVNTPYLYFGMWKTSFAWHTEDMDLYSINYLHFGEPKSWYSVPPEHGKRLERLAKGFFPGSAQSCEAFLRH
KMTLISPLMLKKYGIPFDKVTQEAGEFMITFPYGYHAGFNHGFNCAESTNFATRRWIEYGKQAVLCSCRKDMVKISMDVF
VRKFQPERYKLWKAGKDNTVIDHTLPTPEAAEFLKESEL
;
_entity_poly.pdbx_strand_id   A,B
#
loop_
_chem_comp.id
_chem_comp.type
_chem_comp.name
_chem_comp.formula
5YQ non-polymer '2-{2-[(pyridin-3-ylmethyl)amino]pyrimidin-4-yl}pyridine-4-carboxylic acid' 'C16 H13 N5 O2'
CL non-polymer 'CHLORIDE ION' 'Cl -1'
FE2 non-polymer 'FE (II) ION' 'Fe 2'
SO4 non-polymer 'SULFATE ION' 'O4 S -2'
ZN non-polymer 'ZINC ION' 'Zn 2'
#
# COMPACT_ATOMS: atom_id res chain seq x y z
N SER A 3 7.04 -18.25 -13.50
CA SER A 3 6.08 -17.12 -13.28
C SER A 3 4.77 -17.29 -14.10
N GLU A 4 4.26 -18.53 -14.19
CA GLU A 4 3.12 -18.84 -15.09
C GLU A 4 1.79 -18.38 -14.47
N SER A 5 1.63 -18.65 -13.17
CA SER A 5 0.55 -18.08 -12.36
C SER A 5 0.73 -16.54 -12.14
N GLU A 6 1.98 -16.10 -12.03
CA GLU A 6 2.28 -14.66 -11.95
C GLU A 6 1.79 -13.83 -13.15
N THR A 7 1.72 -14.44 -14.33
CA THR A 7 1.29 -13.77 -15.56
C THR A 7 -0.24 -13.72 -15.75
N LEU A 8 -0.99 -14.41 -14.88
CA LEU A 8 -2.46 -14.40 -14.94
C LEU A 8 -3.02 -13.45 -13.87
N ASN A 9 -3.91 -12.56 -14.29
CA ASN A 9 -4.40 -11.44 -13.50
C ASN A 9 -3.28 -10.66 -12.80
N PRO A 10 -2.26 -10.23 -13.57
CA PRO A 10 -1.09 -9.60 -12.96
C PRO A 10 -1.40 -8.33 -12.15
N SER A 11 -2.46 -7.63 -12.51
CA SER A 11 -2.89 -6.46 -11.75
C SER A 11 -3.67 -6.82 -10.46
N ALA A 12 -4.00 -8.10 -10.28
CA ALA A 12 -4.81 -8.59 -9.13
C ALA A 12 -6.12 -7.83 -9.01
N ARG A 13 -6.77 -7.58 -10.15
CA ARG A 13 -8.06 -6.88 -10.19
C ARG A 13 -9.19 -7.85 -9.99
N ILE A 14 -10.30 -7.35 -9.46
CA ILE A 14 -11.51 -8.16 -9.23
C ILE A 14 -12.12 -8.63 -10.55
N MET A 15 -12.24 -9.94 -10.73
CA MET A 15 -12.79 -10.50 -11.96
C MET A 15 -14.24 -10.91 -11.80
N THR A 16 -14.96 -10.89 -12.92
CA THR A 16 -16.38 -11.28 -12.98
C THR A 16 -16.53 -12.41 -13.99
N PHE A 17 -17.30 -13.43 -13.62
CA PHE A 17 -17.51 -14.60 -14.47
C PHE A 17 -18.98 -14.83 -14.69
N TYR A 18 -19.27 -15.31 -15.90
CA TYR A 18 -20.63 -15.61 -16.34
C TYR A 18 -20.64 -17.05 -16.82
N PRO A 19 -20.77 -18.03 -15.89
CA PRO A 19 -20.74 -19.42 -16.30
C PRO A 19 -22.01 -19.83 -17.02
N THR A 20 -21.85 -20.72 -17.99
CA THR A 20 -23.01 -21.42 -18.54
C THR A 20 -23.53 -22.33 -17.48
N MET A 21 -24.76 -22.79 -17.69
CA MET A 21 -25.39 -23.74 -16.79
C MET A 21 -24.59 -25.00 -16.58
N GLU A 22 -23.80 -25.42 -17.57
CA GLU A 22 -22.99 -26.63 -17.46
C GLU A 22 -21.75 -26.40 -16.62
N GLU A 23 -21.08 -25.28 -16.86
CA GLU A 23 -19.95 -24.85 -16.02
C GLU A 23 -20.36 -24.64 -14.54
N PHE A 24 -21.61 -24.24 -14.33
CA PHE A 24 -22.15 -23.89 -13.03
C PHE A 24 -22.43 -25.10 -12.12
N ARG A 25 -22.60 -26.28 -12.69
CA ARG A 25 -23.01 -27.47 -11.93
C ARG A 25 -22.00 -27.98 -10.90
N ASN A 26 -20.73 -28.07 -11.26
CA ASN A 26 -19.69 -28.49 -10.33
C ASN A 26 -19.05 -27.27 -9.67
N PHE A 27 -19.51 -26.98 -8.46
CA PHE A 27 -19.00 -25.89 -7.66
C PHE A 27 -17.48 -25.92 -7.50
N SER A 28 -16.99 -27.04 -6.96
CA SER A 28 -15.56 -27.17 -6.68
C SER A 28 -14.71 -26.98 -7.94
N ARG A 29 -15.22 -27.47 -9.06
CA ARG A 29 -14.51 -27.39 -10.35
C ARG A 29 -14.46 -25.95 -10.87
N TYR A 30 -15.58 -25.22 -10.76
CA TYR A 30 -15.61 -23.83 -11.23
C TYR A 30 -14.68 -22.91 -10.44
N ILE A 31 -14.53 -23.21 -9.14
CA ILE A 31 -13.62 -22.46 -8.29
C ILE A 31 -12.21 -22.72 -8.77
N ALA A 32 -11.89 -23.98 -9.06
CA ALA A 32 -10.60 -24.30 -9.66
C ALA A 32 -10.41 -23.57 -11.00
N TYR A 33 -11.46 -23.51 -11.82
CA TYR A 33 -11.41 -22.74 -13.08
C TYR A 33 -11.09 -21.23 -12.87
N ILE A 34 -11.85 -20.54 -12.02
CA ILE A 34 -11.63 -19.10 -11.85
C ILE A 34 -10.22 -18.82 -11.30
N GLU A 35 -9.71 -19.74 -10.49
CA GLU A 35 -8.32 -19.68 -10.03
C GLU A 35 -7.27 -19.89 -11.14
N SER A 36 -7.52 -20.76 -12.11
CA SER A 36 -6.61 -20.92 -13.25
C SER A 36 -6.56 -19.64 -14.10
N GLN A 37 -7.62 -18.84 -14.05
CA GLN A 37 -7.62 -17.50 -14.62
C GLN A 37 -7.10 -16.41 -13.70
N GLY A 38 -6.61 -16.73 -12.51
CA GLY A 38 -6.02 -15.73 -11.62
C GLY A 38 -7.00 -14.91 -10.78
N ALA A 39 -8.26 -15.30 -10.73
CA ALA A 39 -9.26 -14.60 -9.94
C ALA A 39 -8.87 -14.35 -8.45
N HIS A 40 -8.26 -15.37 -7.85
CA HIS A 40 -7.92 -15.37 -6.43
C HIS A 40 -6.96 -14.32 -6.01
N ARG A 41 -6.17 -13.81 -6.96
CA ARG A 41 -5.19 -12.78 -6.63
C ARG A 41 -5.81 -11.48 -6.16
N ALA A 42 -7.04 -11.23 -6.56
CA ALA A 42 -7.76 -10.04 -6.08
C ALA A 42 -8.34 -10.16 -4.64
N GLY A 43 -8.44 -11.40 -4.13
CA GLY A 43 -9.07 -11.70 -2.84
C GLY A 43 -10.59 -11.90 -2.94
N LEU A 44 -11.20 -11.50 -4.06
CA LEU A 44 -12.63 -11.42 -4.25
C LEU A 44 -12.94 -11.53 -5.75
N ALA A 45 -13.95 -12.33 -6.10
CA ALA A 45 -14.47 -12.43 -7.49
C ALA A 45 -15.98 -12.48 -7.46
N LYS A 46 -16.59 -11.99 -8.54
CA LYS A 46 -18.02 -12.04 -8.74
C LYS A 46 -18.38 -13.16 -9.69
N VAL A 47 -19.40 -13.93 -9.34
CA VAL A 47 -19.92 -14.94 -10.25
C VAL A 47 -21.39 -14.65 -10.43
N VAL A 48 -21.75 -14.36 -11.69
CA VAL A 48 -23.13 -14.14 -12.10
C VAL A 48 -23.65 -15.48 -12.62
N PRO A 49 -24.63 -16.09 -11.92
CA PRO A 49 -25.10 -17.38 -12.40
C PRO A 49 -25.98 -17.25 -13.65
N PRO A 50 -26.25 -18.37 -14.35
CA PRO A 50 -27.13 -18.38 -15.52
C PRO A 50 -28.53 -17.82 -15.21
N LYS A 51 -29.08 -17.00 -16.11
CA LYS A 51 -30.43 -16.41 -15.95
C LYS A 51 -31.48 -17.42 -15.51
N GLU A 52 -31.41 -18.59 -16.13
CA GLU A 52 -32.29 -19.71 -15.82
C GLU A 52 -32.28 -20.18 -14.36
N TRP A 53 -31.16 -20.05 -13.67
CA TRP A 53 -31.04 -20.62 -12.33
C TRP A 53 -31.64 -19.69 -11.30
N LYS A 54 -32.38 -20.27 -10.36
CA LYS A 54 -32.78 -19.56 -9.16
C LYS A 54 -32.83 -20.53 -7.98
N PRO A 55 -32.45 -20.04 -6.79
CA PRO A 55 -32.43 -20.90 -5.61
C PRO A 55 -33.76 -21.02 -4.91
N ARG A 56 -34.71 -20.19 -5.29
CA ARG A 56 -35.98 -20.11 -4.59
C ARG A 56 -37.00 -19.49 -5.53
N ALA A 57 -38.19 -20.08 -5.58
CA ALA A 57 -39.23 -19.60 -6.46
C ALA A 57 -39.65 -18.21 -6.01
N SER A 58 -39.96 -18.08 -4.73
CA SER A 58 -40.52 -16.85 -4.20
C SER A 58 -40.03 -16.52 -2.79
N TYR A 59 -39.70 -15.24 -2.58
CA TYR A 59 -39.38 -14.70 -1.27
C TYR A 59 -40.59 -13.97 -0.58
N ASP A 60 -41.82 -14.29 -0.99
CA ASP A 60 -43.04 -13.71 -0.41
C ASP A 60 -43.36 -14.26 0.97
N ASP A 61 -42.84 -15.44 1.28
CA ASP A 61 -43.17 -16.16 2.52
C ASP A 61 -42.23 -15.90 3.70
N ILE A 62 -41.48 -14.78 3.68
CA ILE A 62 -40.33 -14.57 4.58
C ILE A 62 -40.58 -13.57 5.71
N ASP A 63 -41.67 -12.83 5.65
CA ASP A 63 -41.97 -11.76 6.60
C ASP A 63 -41.99 -12.17 8.06
N ASP A 64 -42.31 -13.43 8.34
CA ASP A 64 -42.40 -13.94 9.70
C ASP A 64 -41.12 -14.58 10.21
N LEU A 65 -40.12 -14.70 9.35
CA LEU A 65 -38.84 -15.26 9.80
C LEU A 65 -38.28 -14.36 10.90
N VAL A 66 -37.80 -15.01 11.96
CA VAL A 66 -37.28 -14.31 13.13
C VAL A 66 -35.80 -13.99 12.92
N ILE A 67 -35.42 -12.77 13.28
CA ILE A 67 -34.05 -12.33 13.40
C ILE A 67 -33.80 -12.27 14.87
N PRO A 68 -33.18 -13.34 15.46
CA PRO A 68 -33.11 -13.34 16.93
C PRO A 68 -32.23 -12.26 17.60
N ALA A 69 -31.28 -11.67 16.87
CA ALA A 69 -30.29 -10.80 17.53
C ALA A 69 -29.82 -9.71 16.59
N PRO A 70 -30.71 -8.81 16.20
CA PRO A 70 -30.27 -7.72 15.39
C PRO A 70 -29.31 -6.85 16.16
N ILE A 71 -28.47 -6.15 15.42
CA ILE A 71 -27.35 -5.46 16.00
C ILE A 71 -27.46 -4.01 15.60
N GLN A 72 -27.39 -3.09 16.54
CA GLN A 72 -27.25 -1.68 16.17
C GLN A 72 -25.75 -1.31 16.10
N GLN A 73 -25.36 -0.68 15.00
CA GLN A 73 -23.93 -0.49 14.70
C GLN A 73 -23.55 0.92 15.00
N LEU A 74 -22.91 1.12 16.16
CA LEU A 74 -22.37 2.43 16.53
C LEU A 74 -20.93 2.51 16.03
N VAL A 75 -20.61 3.57 15.33
CA VAL A 75 -19.32 3.72 14.76
C VAL A 75 -18.73 5.00 15.29
N THR A 76 -17.45 4.92 15.67
CA THR A 76 -16.71 6.03 16.21
C THR A 76 -15.40 6.17 15.45
N GLY A 77 -15.03 7.41 15.17
CA GLY A 77 -13.75 7.71 14.50
C GLY A 77 -13.77 8.95 13.66
N GLN A 78 -12.75 9.12 12.82
CA GLN A 78 -12.55 10.30 11.98
C GLN A 78 -11.31 10.05 11.10
N SER A 79 -11.08 10.91 10.11
CA SER A 79 -9.92 10.83 9.22
C SER A 79 -9.79 9.47 8.55
N GLY A 80 -10.92 8.91 8.12
CA GLY A 80 -10.97 7.61 7.52
C GLY A 80 -10.73 6.38 8.38
N LEU A 81 -10.65 6.51 9.68
CA LEU A 81 -10.38 5.39 10.57
C LEU A 81 -11.46 5.30 11.62
N PHE A 82 -12.07 4.13 11.75
CA PHE A 82 -13.19 3.98 12.66
C PHE A 82 -13.22 2.62 13.34
N THR A 83 -13.92 2.56 14.47
CA THR A 83 -14.14 1.36 15.21
C THR A 83 -15.67 1.23 15.38
N GLN A 84 -16.17 0.06 15.07
CA GLN A 84 -17.58 -0.22 15.14
C GLN A 84 -17.90 -1.06 16.37
N TYR A 85 -18.88 -0.60 17.15
CA TYR A 85 -19.34 -1.31 18.38
C TYR A 85 -20.73 -1.83 18.14
N ASN A 86 -20.96 -3.07 18.52
CA ASN A 86 -22.24 -3.69 18.29
C ASN A 86 -23.10 -3.57 19.54
N ILE A 87 -24.33 -3.09 19.40
CA ILE A 87 -25.32 -3.06 20.50
C ILE A 87 -26.43 -4.02 20.14
N GLN A 88 -26.59 -5.08 20.93
CA GLN A 88 -27.61 -6.07 20.60
C GLN A 88 -28.99 -5.51 20.94
N LYS A 89 -29.92 -5.72 20.02
CA LYS A 89 -31.29 -5.31 20.14
C LYS A 89 -32.15 -6.56 20.30
N LYS A 90 -33.41 -6.37 20.69
CA LYS A 90 -34.38 -7.48 20.80
C LYS A 90 -34.78 -8.04 19.45
N ALA A 91 -35.18 -9.31 19.46
CA ALA A 91 -35.62 -10.04 18.27
C ALA A 91 -36.65 -9.30 17.46
N MET A 92 -36.66 -9.55 16.17
CA MET A 92 -37.66 -8.94 15.32
C MET A 92 -37.85 -9.82 14.11
N THR A 93 -38.95 -9.59 13.41
CA THR A 93 -39.27 -10.30 12.18
C THR A 93 -38.65 -9.53 11.03
N VAL A 94 -38.54 -10.21 9.90
CA VAL A 94 -38.16 -9.56 8.66
C VAL A 94 -39.11 -8.38 8.28
N ARG A 95 -40.42 -8.58 8.42
CA ARG A 95 -41.36 -7.46 8.17
C ARG A 95 -41.08 -6.26 9.09
N GLU A 96 -40.92 -6.48 10.39
CA GLU A 96 -40.54 -5.39 11.31
C GLU A 96 -39.24 -4.67 10.86
N PHE A 97 -38.24 -5.49 10.51
CA PHE A 97 -36.97 -4.99 10.00
C PHE A 97 -37.10 -4.20 8.72
N ARG A 98 -37.79 -4.76 7.71
CA ARG A 98 -37.97 -4.05 6.41
C ARG A 98 -38.62 -2.68 6.63
N LYS A 99 -39.55 -2.66 7.57
CA LYS A 99 -40.28 -1.44 7.89
C LYS A 99 -39.35 -0.40 8.49
N ILE A 100 -38.52 -0.80 9.46
CA ILE A 100 -37.48 0.12 9.97
C ILE A 100 -36.56 0.55 8.80
N ALA A 101 -36.11 -0.41 7.99
CA ALA A 101 -35.14 -0.15 6.90
C ALA A 101 -35.61 0.85 5.85
N ASN A 102 -36.89 0.77 5.51
CA ASN A 102 -37.51 1.61 4.48
C ASN A 102 -38.10 2.91 5.04
N SER A 103 -38.17 3.04 6.37
CA SER A 103 -38.57 4.27 7.02
C SER A 103 -37.71 5.43 6.60
N ASP A 104 -38.24 6.63 6.73
CA ASP A 104 -37.51 7.86 6.37
C ASP A 104 -36.23 8.04 7.17
N LYS A 105 -36.25 7.63 8.43
CA LYS A 105 -35.08 7.74 9.28
C LYS A 105 -33.91 6.93 8.70
N TYR A 106 -34.16 5.72 8.21
CA TYR A 106 -33.11 4.77 7.84
C TYR A 106 -32.89 4.47 6.37
N CYS A 107 -33.77 4.93 5.47
CA CYS A 107 -33.68 4.55 4.07
C CYS A 107 -32.53 5.18 3.33
N THR A 108 -32.22 4.59 2.19
CA THR A 108 -31.17 5.04 1.32
C THR A 108 -31.36 6.49 0.88
N PRO A 109 -30.33 7.30 0.95
CA PRO A 109 -30.55 8.62 0.39
C PRO A 109 -30.51 8.58 -1.13
N ARG A 110 -30.96 9.67 -1.73
CA ARG A 110 -30.98 9.81 -3.16
C ARG A 110 -29.59 10.26 -3.59
N TYR A 111 -29.25 9.89 -4.81
CA TYR A 111 -27.93 10.13 -5.39
C TYR A 111 -28.03 9.69 -6.85
N SER A 112 -27.07 10.07 -7.68
CA SER A 112 -27.03 9.63 -9.09
C SER A 112 -26.08 8.44 -9.26
N GLU A 113 -24.78 8.69 -9.14
CA GLU A 113 -23.74 7.67 -9.34
C GLU A 113 -23.33 6.99 -8.02
N PHE A 114 -22.90 5.73 -8.10
CA PHE A 114 -22.29 5.05 -6.98
C PHE A 114 -21.26 5.90 -6.21
N GLU A 115 -20.43 6.64 -6.93
CA GLU A 115 -19.38 7.45 -6.33
C GLU A 115 -19.94 8.44 -5.30
N GLU A 116 -21.14 8.94 -5.57
CA GLU A 116 -21.90 9.79 -4.67
C GLU A 116 -22.43 9.02 -3.45
N LEU A 117 -23.00 7.83 -3.66
CA LEU A 117 -23.48 7.02 -2.53
C LEU A 117 -22.33 6.58 -1.63
N GLU A 118 -21.19 6.25 -2.24
CA GLU A 118 -19.99 5.88 -1.49
C GLU A 118 -19.49 7.05 -0.64
N ARG A 119 -19.41 8.26 -1.20
CA ARG A 119 -19.05 9.46 -0.43
C ARG A 119 -19.98 9.67 0.77
N LYS A 120 -21.29 9.49 0.58
CA LYS A 120 -22.24 9.65 1.66
C LYS A 120 -22.04 8.60 2.74
N TYR A 121 -21.65 7.40 2.32
CA TYR A 121 -21.40 6.34 3.27
C TYR A 121 -20.28 6.80 4.19
N TRP A 122 -19.14 7.14 3.59
CA TRP A 122 -17.94 7.54 4.35
C TRP A 122 -18.07 8.87 5.13
N LYS A 123 -18.93 9.76 4.67
CA LYS A 123 -19.27 10.97 5.42
C LYS A 123 -20.23 10.75 6.59
N ASN A 124 -21.21 9.86 6.44
CA ASN A 124 -22.26 9.66 7.46
C ASN A 124 -22.24 8.41 8.30
N LEU A 125 -21.15 7.66 8.18
CA LEU A 125 -20.94 6.40 8.85
C LEU A 125 -21.13 6.44 10.37
N THR A 126 -20.71 7.53 11.00
CA THR A 126 -20.81 7.66 12.47
C THR A 126 -22.12 8.25 12.98
N PHE A 127 -23.03 8.62 12.08
CA PHE A 127 -24.33 9.22 12.44
C PHE A 127 -25.46 8.22 12.26
N ASN A 128 -26.56 8.42 13.00
CA ASN A 128 -27.77 7.63 12.85
C ASN A 128 -27.52 6.11 12.75
N PRO A 129 -27.01 5.51 13.82
CA PRO A 129 -26.59 4.10 13.84
C PRO A 129 -27.67 3.20 13.30
N PRO A 130 -27.36 2.45 12.23
CA PRO A 130 -28.32 1.53 11.66
C PRO A 130 -28.38 0.21 12.40
N ILE A 131 -29.37 -0.59 12.04
CA ILE A 131 -29.55 -1.92 12.59
C ILE A 131 -29.28 -2.96 11.51
N TYR A 132 -28.53 -4.00 11.85
CA TYR A 132 -28.12 -5.02 10.88
C TYR A 132 -28.69 -6.30 11.41
N GLY A 133 -29.42 -7.03 10.55
CA GLY A 133 -30.02 -8.29 10.96
C GLY A 133 -29.05 -9.41 10.68
N ALA A 134 -27.96 -9.43 11.43
CA ALA A 134 -26.82 -10.26 11.08
C ALA A 134 -26.87 -11.64 11.72
N ASP A 135 -26.17 -12.58 11.10
CA ASP A 135 -25.86 -13.92 11.70
C ASP A 135 -27.13 -14.69 12.00
N VAL A 136 -28.08 -14.68 11.08
CA VAL A 136 -29.32 -15.47 11.26
C VAL A 136 -29.06 -16.89 10.74
N ASN A 137 -29.25 -17.88 11.62
CA ASN A 137 -29.10 -19.27 11.23
C ASN A 137 -30.19 -19.70 10.28
N GLY A 138 -29.82 -20.17 9.10
CA GLY A 138 -30.79 -20.66 8.14
C GLY A 138 -30.33 -20.47 6.71
N THR A 139 -31.19 -20.92 5.79
CA THR A 139 -30.98 -20.87 4.35
C THR A 139 -32.29 -20.46 3.68
N LEU A 140 -32.19 -19.74 2.57
CA LEU A 140 -33.35 -19.52 1.71
C LEU A 140 -33.31 -20.35 0.42
N TYR A 141 -32.40 -21.31 0.30
CA TYR A 141 -32.43 -22.24 -0.84
C TYR A 141 -33.54 -23.28 -0.64
N GLU A 142 -34.31 -23.55 -1.70
CA GLU A 142 -35.22 -24.72 -1.69
C GLU A 142 -34.38 -26.01 -1.70
N LYS A 143 -34.92 -27.07 -1.09
CA LYS A 143 -34.18 -28.32 -0.81
C LYS A 143 -33.65 -29.04 -2.06
N HIS A 144 -34.34 -28.88 -3.16
CA HIS A 144 -34.03 -29.53 -4.42
C HIS A 144 -32.91 -28.83 -5.25
N VAL A 145 -32.43 -27.64 -4.83
CA VAL A 145 -31.45 -26.88 -5.64
C VAL A 145 -30.03 -27.50 -5.50
N ASP A 146 -29.49 -28.04 -6.59
CA ASP A 146 -28.20 -28.76 -6.56
C ASP A 146 -26.98 -27.96 -6.99
N GLU A 147 -27.18 -26.81 -7.60
CA GLU A 147 -26.06 -25.99 -8.04
C GLU A 147 -25.84 -24.87 -7.03
N TRP A 148 -24.59 -24.75 -6.55
CA TRP A 148 -24.16 -23.67 -5.67
C TRP A 148 -25.08 -23.54 -4.47
N ASN A 149 -25.40 -24.68 -3.85
CA ASN A 149 -26.28 -24.68 -2.68
C ASN A 149 -25.41 -24.44 -1.47
N ILE A 150 -25.49 -23.22 -0.94
CA ILE A 150 -24.72 -22.81 0.23
C ILE A 150 -24.84 -23.77 1.44
N GLY A 151 -25.99 -24.41 1.58
CA GLY A 151 -26.19 -25.46 2.60
C GLY A 151 -25.49 -26.80 2.37
N ARG A 152 -25.05 -27.08 1.15
CA ARG A 152 -24.37 -28.35 0.84
C ARG A 152 -23.47 -28.21 -0.41
N LEU A 153 -22.41 -27.42 -0.28
CA LEU A 153 -21.42 -27.26 -1.34
C LEU A 153 -20.51 -28.46 -1.57
N ARG A 154 -20.37 -29.35 -0.61
CA ARG A 154 -19.57 -30.57 -0.76
C ARG A 154 -18.05 -30.35 -0.95
N THR A 155 -17.47 -29.35 -0.33
CA THR A 155 -16.02 -29.15 -0.42
C THR A 155 -15.33 -29.96 0.68
N ILE A 156 -14.01 -29.93 0.70
CA ILE A 156 -13.26 -30.60 1.78
C ILE A 156 -13.45 -29.97 3.18
N LEU A 157 -14.02 -28.77 3.29
CA LEU A 157 -14.35 -28.26 4.64
C LEU A 157 -15.32 -29.21 5.41
N ASP A 158 -16.09 -30.01 4.69
CA ASP A 158 -16.96 -31.06 5.26
C ASP A 158 -16.25 -32.11 6.07
N LEU A 159 -14.94 -32.23 5.89
CA LEU A 159 -14.10 -33.08 6.74
C LEU A 159 -14.10 -32.70 8.23
N VAL A 160 -14.41 -31.43 8.56
CA VAL A 160 -14.43 -31.00 9.95
C VAL A 160 -15.57 -31.70 10.66
N GLU A 161 -16.79 -31.54 10.15
CA GLU A 161 -17.95 -32.17 10.77
C GLU A 161 -17.86 -33.72 10.67
N LYS A 162 -17.44 -34.18 9.50
CA LYS A 162 -17.29 -35.61 9.18
C LYS A 162 -16.51 -36.32 10.27
N GLU A 163 -15.35 -35.78 10.61
CA GLU A 163 -14.44 -36.42 11.55
C GLU A 163 -14.74 -36.18 13.03
N SER A 164 -15.28 -35.01 13.36
CA SER A 164 -15.36 -34.55 14.72
C SER A 164 -16.79 -34.31 15.24
N GLY A 165 -17.76 -34.32 14.34
CA GLY A 165 -19.11 -33.84 14.62
C GLY A 165 -19.24 -32.34 14.87
N ILE A 166 -18.16 -31.55 14.73
CA ILE A 166 -18.23 -30.15 15.14
C ILE A 166 -18.90 -29.31 14.07
N THR A 167 -19.89 -28.52 14.48
CA THR A 167 -20.48 -27.49 13.62
C THR A 167 -20.14 -26.17 14.20
N ILE A 168 -19.88 -25.21 13.31
CA ILE A 168 -19.43 -23.88 13.65
C ILE A 168 -20.37 -22.99 12.83
N GLU A 169 -21.32 -22.38 13.54
CA GLU A 169 -22.33 -21.51 12.92
C GLU A 169 -21.76 -20.45 11.98
N GLY A 170 -22.30 -20.44 10.76
CA GLY A 170 -21.83 -19.57 9.72
C GLY A 170 -20.56 -19.96 8.99
N VAL A 171 -19.85 -20.97 9.46
CA VAL A 171 -18.61 -21.41 8.83
C VAL A 171 -18.85 -22.69 8.04
N ASN A 172 -19.32 -23.73 8.73
CA ASN A 172 -19.77 -24.95 8.02
C ASN A 172 -21.28 -25.10 8.09
N THR A 173 -21.96 -23.98 8.33
CA THR A 173 -23.42 -23.91 8.23
C THR A 173 -23.73 -22.51 7.71
N PRO A 174 -24.95 -22.27 7.16
CA PRO A 174 -25.24 -20.97 6.52
C PRO A 174 -25.75 -19.90 7.47
N TYR A 175 -25.42 -18.65 7.16
CA TYR A 175 -25.94 -17.50 7.86
C TYR A 175 -26.67 -16.63 6.89
N LEU A 176 -27.78 -16.04 7.35
CA LEU A 176 -28.46 -14.98 6.59
C LEU A 176 -28.16 -13.64 7.20
N TYR A 177 -28.11 -12.62 6.36
CA TYR A 177 -27.84 -11.24 6.76
C TYR A 177 -28.87 -10.35 6.14
N PHE A 178 -29.66 -9.68 6.97
CA PHE A 178 -30.61 -8.67 6.50
C PHE A 178 -30.03 -7.29 6.70
N GLY A 179 -29.75 -6.61 5.60
CA GLY A 179 -29.11 -5.29 5.64
C GLY A 179 -30.09 -4.13 5.52
N MET A 180 -29.62 -2.95 5.92
CA MET A 180 -30.24 -1.68 5.57
C MET A 180 -29.15 -0.74 5.18
N TRP A 181 -29.51 0.46 4.72
CA TRP A 181 -28.56 1.45 4.31
C TRP A 181 -27.53 1.67 5.39
N LYS A 182 -26.26 1.69 4.97
CA LYS A 182 -25.17 2.12 5.83
C LYS A 182 -24.75 1.06 6.85
N THR A 183 -25.34 -0.15 6.81
CA THR A 183 -24.86 -1.26 7.59
C THR A 183 -23.55 -1.77 6.96
N SER A 184 -22.57 -2.05 7.80
CA SER A 184 -21.18 -2.26 7.37
C SER A 184 -20.66 -3.64 7.74
N PHE A 185 -19.66 -4.12 7.01
CA PHE A 185 -18.81 -5.20 7.49
C PHE A 185 -17.39 -4.70 7.45
N ALA A 186 -16.74 -4.80 8.59
CA ALA A 186 -15.41 -4.28 8.80
C ALA A 186 -14.32 -5.08 8.04
N TRP A 187 -13.13 -4.52 7.97
CA TRP A 187 -12.01 -5.22 7.32
C TRP A 187 -11.66 -6.57 8.01
N HIS A 188 -11.70 -7.66 7.26
CA HIS A 188 -11.30 -8.95 7.79
C HIS A 188 -10.98 -9.96 6.69
N THR A 189 -10.27 -11.01 7.09
CA THR A 189 -10.27 -12.26 6.38
C THR A 189 -11.20 -13.23 7.11
N GLU A 190 -11.51 -14.33 6.46
CA GLU A 190 -12.38 -15.33 7.07
C GLU A 190 -11.65 -16.03 8.20
N ASP A 191 -12.41 -16.63 9.12
CA ASP A 191 -11.81 -17.45 10.17
C ASP A 191 -11.02 -18.54 9.53
N MET A 192 -9.86 -18.81 10.10
CA MET A 192 -8.90 -19.79 9.58
C MET A 192 -8.47 -19.49 8.15
N ASP A 193 -8.63 -18.22 7.72
CA ASP A 193 -8.37 -17.79 6.34
C ASP A 193 -9.03 -18.67 5.26
N LEU A 194 -10.23 -19.13 5.54
CA LEU A 194 -11.04 -19.88 4.59
C LEU A 194 -11.53 -18.99 3.41
N TYR A 195 -12.09 -19.67 2.41
CA TYR A 195 -12.87 -19.05 1.39
C TYR A 195 -14.24 -18.74 1.96
N SER A 196 -14.91 -17.76 1.39
CA SER A 196 -16.35 -17.62 1.66
C SER A 196 -17.12 -17.47 0.38
N ILE A 197 -18.40 -17.79 0.47
CA ILE A 197 -19.36 -17.60 -0.61
C ILE A 197 -20.51 -16.74 -0.06
N ASN A 198 -20.91 -15.76 -0.85
CA ASN A 198 -21.98 -14.84 -0.50
C ASN A 198 -22.96 -14.71 -1.66
N TYR A 199 -24.22 -15.00 -1.41
CA TYR A 199 -25.26 -14.86 -2.40
C TYR A 199 -26.24 -13.81 -1.95
N LEU A 200 -26.46 -12.80 -2.80
CA LEU A 200 -27.42 -11.72 -2.51
C LEU A 200 -28.79 -12.14 -3.11
N HIS A 201 -29.66 -12.67 -2.25
CA HIS A 201 -30.98 -13.19 -2.57
C HIS A 201 -31.90 -12.13 -3.14
N PHE A 202 -31.99 -10.96 -2.50
CA PHE A 202 -32.82 -9.86 -3.02
C PHE A 202 -32.48 -8.52 -2.38
N GLY A 203 -32.98 -7.46 -3.00
CA GLY A 203 -32.98 -6.14 -2.38
C GLY A 203 -31.90 -5.27 -2.97
N GLU A 204 -31.50 -4.25 -2.23
CA GLU A 204 -30.54 -3.27 -2.75
C GLU A 204 -29.12 -3.85 -2.74
N PRO A 205 -28.20 -3.23 -3.46
CA PRO A 205 -26.83 -3.80 -3.52
C PRO A 205 -26.01 -3.75 -2.23
N LYS A 206 -24.92 -4.50 -2.28
CA LYS A 206 -23.89 -4.55 -1.27
C LYS A 206 -22.58 -4.25 -2.01
N SER A 207 -21.85 -3.25 -1.53
CA SER A 207 -20.59 -2.83 -2.14
C SER A 207 -19.44 -3.39 -1.29
N TRP A 208 -18.36 -3.75 -1.97
CA TRP A 208 -17.24 -4.50 -1.39
C TRP A 208 -15.97 -3.77 -1.70
N TYR A 209 -15.02 -3.88 -0.77
CA TYR A 209 -13.64 -3.54 -1.01
C TYR A 209 -12.83 -4.77 -0.71
N SER A 210 -11.73 -4.95 -1.45
CA SER A 210 -10.82 -6.10 -1.24
C SER A 210 -9.36 -5.70 -1.43
N VAL A 211 -8.50 -6.28 -0.63
CA VAL A 211 -7.04 -6.13 -0.76
C VAL A 211 -6.53 -7.49 -1.23
N PRO A 212 -5.71 -7.51 -2.29
CA PRO A 212 -5.10 -8.78 -2.71
C PRO A 212 -4.38 -9.50 -1.58
N PRO A 213 -4.48 -10.86 -1.51
CA PRO A 213 -3.72 -11.60 -0.52
C PRO A 213 -2.23 -11.32 -0.53
N GLU A 214 -1.63 -11.16 -1.72
CA GLU A 214 -0.21 -10.80 -1.81
C GLU A 214 0.14 -9.50 -1.12
N HIS A 215 -0.86 -8.63 -0.92
CA HIS A 215 -0.68 -7.39 -0.15
C HIS A 215 -1.33 -7.35 1.25
N GLY A 216 -1.85 -8.48 1.72
CA GLY A 216 -2.55 -8.50 3.01
C GLY A 216 -1.73 -8.01 4.16
N LYS A 217 -0.45 -8.36 4.16
CA LYS A 217 0.43 -7.98 5.26
C LYS A 217 0.57 -6.49 5.34
N ARG A 218 0.51 -5.81 4.19
CA ARG A 218 0.64 -4.35 4.19
C ARG A 218 -0.56 -3.72 4.84
N LEU A 219 -1.76 -4.23 4.57
CA LEU A 219 -2.95 -3.81 5.28
C LEU A 219 -2.86 -4.01 6.78
N GLU A 220 -2.35 -5.17 7.21
CA GLU A 220 -2.17 -5.43 8.66
C GLU A 220 -1.21 -4.46 9.30
N ARG A 221 -0.13 -4.13 8.60
CA ARG A 221 0.88 -3.26 9.15
C ARG A 221 0.32 -1.84 9.31
N LEU A 222 -0.45 -1.41 8.33
CA LEU A 222 -1.16 -0.14 8.44
C LEU A 222 -2.12 -0.11 9.61
N ALA A 223 -2.94 -1.15 9.73
CA ALA A 223 -3.95 -1.23 10.78
C ALA A 223 -3.30 -1.23 12.16
N LYS A 224 -2.25 -2.04 12.35
CA LYS A 224 -1.47 -2.04 13.60
C LYS A 224 -0.91 -0.67 13.96
N GLY A 225 -0.40 0.01 12.95
CA GLY A 225 0.10 1.37 13.11
C GLY A 225 -0.95 2.29 13.67
N PHE A 226 -2.14 2.23 13.08
CA PHE A 226 -3.24 3.11 13.49
C PHE A 226 -4.04 2.66 14.71
N PHE A 227 -4.02 1.39 15.05
CA PHE A 227 -4.68 0.92 16.28
C PHE A 227 -3.69 0.19 17.15
N PRO A 228 -2.76 0.95 17.74
CA PRO A 228 -1.64 0.29 18.41
C PRO A 228 -2.05 -0.45 19.69
N GLY A 229 -3.01 0.12 20.43
CA GLY A 229 -3.58 -0.54 21.62
C GLY A 229 -4.26 -1.86 21.29
N SER A 230 -5.11 -1.84 20.27
CA SER A 230 -5.74 -3.08 19.82
C SER A 230 -4.72 -4.12 19.38
N ALA A 231 -3.75 -3.67 18.59
CA ALA A 231 -2.69 -4.55 18.09
C ALA A 231 -1.92 -5.22 19.23
N GLN A 232 -1.62 -4.45 20.26
CA GLN A 232 -0.93 -4.97 21.43
C GLN A 232 -1.74 -5.97 22.24
N SER A 233 -3.06 -5.76 22.42
CA SER A 233 -3.91 -6.72 23.16
C SER A 233 -4.23 -8.01 22.41
N CYS A 234 -4.09 -7.98 21.09
CA CYS A 234 -4.41 -9.09 20.23
C CYS A 234 -3.73 -8.92 18.87
N GLU A 235 -2.89 -9.88 18.48
CA GLU A 235 -2.21 -9.81 17.19
C GLU A 235 -3.22 -9.77 16.07
N ALA A 236 -4.20 -10.66 16.15
CA ALA A 236 -5.20 -10.78 15.10
C ALA A 236 -6.45 -9.91 15.39
N PHE A 237 -6.26 -8.67 15.86
CA PHE A 237 -7.39 -7.82 16.27
C PHE A 237 -8.38 -7.54 15.13
N LEU A 238 -7.92 -7.56 13.87
CA LEU A 238 -8.86 -7.36 12.75
C LEU A 238 -9.92 -8.44 12.75
N ARG A 239 -9.59 -9.62 13.30
CA ARG A 239 -10.58 -10.69 13.48
C ARG A 239 -11.70 -10.32 14.41
N HIS A 240 -11.58 -9.26 15.20
CA HIS A 240 -12.75 -8.81 15.98
C HIS A 240 -13.83 -8.20 15.10
N LYS A 241 -13.50 -7.89 13.84
CA LYS A 241 -14.44 -7.35 12.86
C LYS A 241 -15.02 -6.01 13.30
N MET A 242 -14.18 -5.17 13.91
CA MET A 242 -14.59 -3.85 14.37
C MET A 242 -13.89 -2.71 13.66
N THR A 243 -12.95 -2.99 12.75
CA THR A 243 -12.08 -1.93 12.23
C THR A 243 -12.44 -1.52 10.81
N LEU A 244 -12.81 -0.26 10.62
CA LEU A 244 -13.22 0.23 9.33
C LEU A 244 -12.17 1.22 8.87
N ILE A 245 -11.81 1.14 7.60
CA ILE A 245 -10.77 1.99 7.02
C ILE A 245 -11.23 2.39 5.64
N SER A 246 -11.33 3.69 5.38
CA SER A 246 -11.85 4.21 4.09
C SER A 246 -10.85 3.97 2.95
N PRO A 247 -11.34 3.88 1.72
CA PRO A 247 -10.47 3.67 0.58
C PRO A 247 -9.48 4.83 0.34
N LEU A 248 -9.87 6.03 0.73
CA LEU A 248 -8.92 7.14 0.70
C LEU A 248 -7.70 6.98 1.64
N MET A 249 -7.90 6.34 2.80
CA MET A 249 -6.77 6.04 3.68
C MET A 249 -5.92 4.96 3.07
N LEU A 250 -6.54 3.95 2.46
CA LEU A 250 -5.76 2.96 1.76
C LEU A 250 -4.94 3.60 0.63
N LYS A 251 -5.53 4.47 -0.17
CA LYS A 251 -4.79 5.18 -1.24
C LYS A 251 -3.64 5.99 -0.68
N LYS A 252 -3.90 6.64 0.46
CA LYS A 252 -2.94 7.54 1.06
C LYS A 252 -1.69 6.82 1.54
N TYR A 253 -1.84 5.57 1.97
CA TYR A 253 -0.74 4.76 2.45
C TYR A 253 -0.34 3.64 1.50
N GLY A 254 -0.73 3.76 0.24
CA GLY A 254 -0.21 2.89 -0.79
C GLY A 254 -0.62 1.45 -0.70
N ILE A 255 -1.77 1.17 -0.09
CA ILE A 255 -2.27 -0.19 -0.01
C ILE A 255 -3.09 -0.49 -1.26
N PRO A 256 -2.70 -1.49 -2.06
CA PRO A 256 -3.54 -1.79 -3.25
C PRO A 256 -4.87 -2.41 -2.88
N PHE A 257 -5.91 -2.05 -3.63
CA PHE A 257 -7.25 -2.52 -3.35
C PHE A 257 -8.11 -2.36 -4.57
N ASP A 258 -9.25 -3.04 -4.57
CA ASP A 258 -10.25 -2.86 -5.61
C ASP A 258 -11.64 -2.81 -4.98
N LYS A 259 -12.62 -2.37 -5.75
CA LYS A 259 -14.00 -2.28 -5.29
C LYS A 259 -14.93 -2.90 -6.28
N VAL A 260 -16.10 -3.31 -5.81
CA VAL A 260 -17.10 -3.95 -6.67
C VAL A 260 -18.38 -3.89 -5.90
N THR A 261 -19.47 -3.75 -6.66
CA THR A 261 -20.81 -3.75 -6.14
C THR A 261 -21.48 -5.01 -6.55
N GLN A 262 -22.07 -5.70 -5.59
CA GLN A 262 -22.82 -6.91 -5.84
C GLN A 262 -24.32 -6.58 -5.94
N GLU A 263 -24.98 -7.02 -7.00
CA GLU A 263 -26.44 -6.84 -7.17
C GLU A 263 -27.16 -8.11 -6.84
N ALA A 264 -28.45 -8.02 -6.50
CA ALA A 264 -29.28 -9.16 -6.21
C ALA A 264 -29.18 -10.20 -7.31
N GLY A 265 -29.20 -11.46 -6.91
CA GLY A 265 -28.87 -12.56 -7.81
C GLY A 265 -27.40 -12.82 -8.13
N GLU A 266 -26.46 -12.05 -7.57
CA GLU A 266 -25.03 -12.31 -7.83
C GLU A 266 -24.29 -12.99 -6.65
N PHE A 267 -23.28 -13.78 -6.97
CA PHE A 267 -22.40 -14.43 -5.98
C PHE A 267 -21.13 -13.64 -5.86
N MET A 268 -20.61 -13.54 -4.63
CA MET A 268 -19.22 -13.10 -4.39
C MET A 268 -18.49 -14.23 -3.69
N ILE A 269 -17.24 -14.45 -4.11
CA ILE A 269 -16.34 -15.46 -3.53
C ILE A 269 -15.19 -14.70 -2.95
N THR A 270 -14.90 -14.92 -1.66
CA THR A 270 -13.68 -14.41 -1.06
C THR A 270 -12.67 -15.55 -0.97
N PHE A 271 -11.39 -15.22 -1.17
CA PHE A 271 -10.33 -16.19 -1.23
C PHE A 271 -9.48 -16.13 0.03
N PRO A 272 -8.77 -17.24 0.36
CA PRO A 272 -7.91 -17.28 1.55
C PRO A 272 -6.99 -16.11 1.67
N TYR A 273 -7.01 -15.49 2.85
CA TYR A 273 -6.23 -14.34 3.16
C TYR A 273 -6.59 -13.08 2.34
N GLY A 274 -7.81 -13.05 1.81
CA GLY A 274 -8.30 -11.87 1.15
C GLY A 274 -9.00 -10.98 2.15
N TYR A 275 -8.39 -9.88 2.51
CA TYR A 275 -9.07 -8.85 3.32
C TYR A 275 -10.21 -8.17 2.55
N HIS A 276 -11.39 -8.14 3.17
CA HIS A 276 -12.57 -7.52 2.56
C HIS A 276 -13.34 -6.71 3.60
N ALA A 277 -14.04 -5.71 3.08
CA ALA A 277 -14.95 -4.87 3.86
C ALA A 277 -15.99 -4.31 2.90
N GLY A 278 -17.03 -3.70 3.46
CA GLY A 278 -18.03 -3.04 2.67
C GLY A 278 -19.29 -2.58 3.41
N PHE A 279 -20.34 -2.36 2.63
CA PHE A 279 -21.55 -1.80 3.14
C PHE A 279 -22.73 -2.11 2.26
N ASN A 280 -23.92 -2.14 2.88
CA ASN A 280 -25.20 -2.33 2.17
C ASN A 280 -25.84 -1.00 1.77
N HIS A 281 -26.42 -0.97 0.57
CA HIS A 281 -27.05 0.21 0.00
C HIS A 281 -28.41 0.49 0.56
N GLY A 282 -29.09 -0.56 0.99
CA GLY A 282 -30.46 -0.46 1.45
C GLY A 282 -30.91 -1.83 1.88
N PHE A 283 -32.22 -2.00 2.06
CA PHE A 283 -32.82 -3.28 2.48
C PHE A 283 -32.42 -4.40 1.53
N ASN A 284 -31.90 -5.49 2.08
CA ASN A 284 -31.45 -6.63 1.29
C ASN A 284 -31.28 -7.84 2.15
N CYS A 285 -30.96 -8.95 1.51
CA CYS A 285 -30.78 -10.18 2.23
C CYS A 285 -29.73 -11.01 1.52
N ALA A 286 -28.75 -11.48 2.30
CA ALA A 286 -27.61 -12.19 1.76
C ALA A 286 -27.45 -13.45 2.55
N GLU A 287 -26.95 -14.49 1.89
CA GLU A 287 -26.69 -15.75 2.54
C GLU A 287 -25.20 -16.10 2.35
N SER A 288 -24.55 -16.61 3.40
CA SER A 288 -23.12 -16.90 3.29
C SER A 288 -22.66 -18.08 4.15
N THR A 289 -21.56 -18.66 3.71
CA THR A 289 -20.87 -19.66 4.50
C THR A 289 -19.42 -19.71 4.04
N ASN A 290 -18.62 -20.50 4.74
CA ASN A 290 -17.25 -20.73 4.31
C ASN A 290 -17.11 -22.01 3.56
N PHE A 291 -16.02 -22.13 2.82
CA PHE A 291 -15.64 -23.39 2.17
C PHE A 291 -14.16 -23.49 2.02
N ALA A 292 -13.71 -24.67 1.57
CA ALA A 292 -12.31 -24.91 1.36
C ALA A 292 -11.99 -25.57 0.00
N THR A 293 -10.71 -25.51 -0.36
CA THR A 293 -10.11 -26.25 -1.45
C THR A 293 -8.79 -26.72 -0.90
N ARG A 294 -8.08 -27.57 -1.65
CA ARG A 294 -6.77 -28.07 -1.16
C ARG A 294 -5.77 -26.95 -0.92
N ARG A 295 -5.86 -25.92 -1.74
CA ARG A 295 -5.00 -24.76 -1.61
C ARG A 295 -5.13 -24.05 -0.24
N TRP A 296 -6.34 -24.08 0.33
CA TRP A 296 -6.58 -23.49 1.65
C TRP A 296 -5.75 -24.11 2.77
N ILE A 297 -5.42 -25.41 2.64
CA ILE A 297 -4.84 -26.16 3.76
C ILE A 297 -3.65 -25.45 4.34
N GLU A 298 -2.76 -24.96 3.50
CA GLU A 298 -1.56 -24.28 3.96
C GLU A 298 -1.90 -22.95 4.69
N TYR A 299 -2.92 -22.26 4.17
CA TYR A 299 -3.40 -21.02 4.80
C TYR A 299 -3.95 -21.34 6.19
N GLY A 300 -4.72 -22.43 6.26
CA GLY A 300 -5.24 -22.96 7.53
C GLY A 300 -4.13 -23.21 8.52
N LYS A 301 -3.07 -23.87 8.07
CA LYS A 301 -1.96 -24.19 8.96
C LYS A 301 -1.27 -22.94 9.49
N GLN A 302 -1.26 -21.85 8.73
CA GLN A 302 -0.51 -20.64 9.11
C GLN A 302 -1.37 -19.47 9.58
N ALA A 303 -2.67 -19.63 9.67
CA ALA A 303 -3.55 -18.51 10.01
C ALA A 303 -3.19 -17.98 11.39
N VAL A 304 -3.06 -16.67 11.49
CA VAL A 304 -2.77 -16.02 12.78
C VAL A 304 -4.11 -15.78 13.47
N LEU A 305 -4.32 -16.41 14.62
CA LEU A 305 -5.62 -16.46 15.26
C LEU A 305 -5.70 -15.46 16.40
N CYS A 306 -6.92 -15.05 16.73
CA CYS A 306 -7.18 -14.24 17.91
C CYS A 306 -7.23 -15.20 19.13
N SER A 307 -6.48 -14.93 20.18
CA SER A 307 -6.66 -15.69 21.45
C SER A 307 -7.38 -14.89 22.56
N CYS A 308 -7.35 -13.56 22.48
CA CYS A 308 -7.89 -12.68 23.52
C CYS A 308 -9.38 -12.79 23.82
N ARG A 309 -10.11 -13.61 23.06
CA ARG A 309 -11.56 -13.73 23.21
C ARG A 309 -11.91 -15.19 23.31
N LYS A 310 -13.10 -15.44 23.85
CA LYS A 310 -13.46 -16.75 24.40
C LYS A 310 -13.85 -17.72 23.29
N ASP A 311 -14.73 -17.24 22.41
CA ASP A 311 -15.35 -18.07 21.37
C ASP A 311 -14.86 -17.70 19.96
N MET A 312 -13.54 -17.62 19.78
CA MET A 312 -12.96 -17.41 18.46
C MET A 312 -12.87 -18.75 17.77
N VAL A 313 -13.00 -18.73 16.44
CA VAL A 313 -13.12 -19.96 15.66
C VAL A 313 -11.73 -20.55 15.41
N LYS A 314 -11.57 -21.79 15.85
CA LYS A 314 -10.32 -22.52 15.70
C LYS A 314 -10.69 -23.89 15.18
N ILE A 315 -10.19 -24.26 14.01
CA ILE A 315 -10.48 -25.56 13.36
C ILE A 315 -9.19 -26.34 13.45
N SER A 316 -9.25 -27.57 13.98
CA SER A 316 -8.04 -28.40 14.04
C SER A 316 -7.63 -28.77 12.62
N MET A 317 -6.37 -28.47 12.26
CA MET A 317 -5.83 -28.77 10.93
C MET A 317 -5.34 -30.23 10.77
N ASP A 318 -5.27 -30.95 11.87
CA ASP A 318 -4.75 -32.32 11.87
C ASP A 318 -5.25 -33.20 10.72
N VAL A 319 -6.58 -33.32 10.60
CA VAL A 319 -7.16 -34.17 9.57
C VAL A 319 -6.76 -33.79 8.16
N PHE A 320 -6.57 -32.50 7.92
CA PHE A 320 -6.27 -32.04 6.56
C PHE A 320 -4.85 -32.34 6.20
N VAL A 321 -3.96 -32.17 7.16
CA VAL A 321 -2.55 -32.41 6.97
C VAL A 321 -2.34 -33.94 6.78
N ARG A 322 -2.94 -34.74 7.66
CA ARG A 322 -2.82 -36.21 7.55
C ARG A 322 -3.29 -36.70 6.20
N LYS A 323 -4.45 -36.24 5.80
CA LYS A 323 -5.08 -36.76 4.60
C LYS A 323 -4.51 -36.18 3.30
N PHE A 324 -4.11 -34.90 3.31
CA PHE A 324 -3.66 -34.27 2.06
C PHE A 324 -2.18 -33.93 2.03
N GLN A 325 -1.50 -33.90 3.16
CA GLN A 325 -0.06 -33.61 3.18
C GLN A 325 0.71 -34.63 4.02
N PRO A 326 0.42 -35.96 3.84
CA PRO A 326 1.00 -37.00 4.72
C PRO A 326 2.53 -36.97 4.83
N GLU A 327 3.20 -36.63 3.74
CA GLU A 327 4.66 -36.45 3.74
C GLU A 327 5.16 -35.35 4.68
N ARG A 328 4.29 -34.41 5.06
CA ARG A 328 4.67 -33.32 5.97
C ARG A 328 4.12 -33.42 7.36
N TYR A 329 3.22 -34.39 7.60
CA TYR A 329 2.55 -34.49 8.90
C TYR A 329 3.49 -34.47 10.11
N LYS A 330 4.54 -35.31 10.08
CA LYS A 330 5.45 -35.41 11.22
C LYS A 330 6.26 -34.12 11.41
N LEU A 331 6.76 -33.58 10.31
CA LEU A 331 7.46 -32.29 10.32
C LEU A 331 6.56 -31.18 10.88
N TRP A 332 5.32 -31.13 10.41
CA TRP A 332 4.31 -30.17 10.92
C TRP A 332 4.02 -30.35 12.43
N LYS A 333 3.71 -31.56 12.88
CA LYS A 333 3.48 -31.83 14.33
C LYS A 333 4.69 -31.44 15.18
N ALA A 334 5.88 -31.62 14.66
CA ALA A 334 7.10 -31.21 15.39
C ALA A 334 7.43 -29.72 15.26
N GLY A 335 6.55 -28.90 14.68
CA GLY A 335 6.78 -27.47 14.53
C GLY A 335 7.87 -27.05 13.55
N LYS A 336 8.24 -27.94 12.62
CA LYS A 336 9.32 -27.64 11.69
C LYS A 336 8.86 -27.44 10.25
N ASP A 337 7.54 -27.39 10.01
CA ASP A 337 7.07 -27.17 8.65
C ASP A 337 7.16 -25.67 8.37
N ASN A 338 8.17 -25.30 7.58
CA ASN A 338 8.42 -23.90 7.23
C ASN A 338 7.99 -23.53 5.80
N THR A 339 7.04 -24.27 5.23
CA THR A 339 6.48 -23.96 3.91
C THR A 339 6.07 -22.48 3.82
N VAL A 340 6.48 -21.83 2.74
CA VAL A 340 6.17 -20.43 2.49
C VAL A 340 5.01 -20.47 1.50
N ILE A 341 3.94 -19.73 1.77
CA ILE A 341 2.81 -19.68 0.83
C ILE A 341 3.10 -18.75 -0.39
N ASP A 342 2.86 -19.24 -1.61
CA ASP A 342 2.79 -18.41 -2.83
C ASP A 342 1.33 -18.06 -3.14
N HIS A 343 0.99 -16.80 -2.94
CA HIS A 343 -0.37 -16.29 -3.12
C HIS A 343 -0.92 -16.31 -4.57
N THR A 344 -0.03 -16.37 -5.56
CA THR A 344 -0.44 -16.39 -6.98
C THR A 344 -0.78 -17.79 -7.51
N LEU A 345 -0.26 -18.83 -6.87
CA LEU A 345 -0.43 -20.20 -7.36
C LEU A 345 -1.91 -20.65 -7.22
N PRO A 346 -2.51 -21.24 -8.28
CA PRO A 346 -3.91 -21.73 -8.20
C PRO A 346 -4.02 -23.11 -7.53
N THR A 347 -5.23 -23.45 -7.04
CA THR A 347 -5.45 -24.71 -6.25
C THR A 347 -5.15 -25.90 -7.15
N PRO A 348 -4.47 -26.95 -6.61
CA PRO A 348 -4.10 -28.16 -7.37
C PRO A 348 -5.19 -28.71 -8.30
N GLU A 349 -6.46 -28.64 -7.86
CA GLU A 349 -7.64 -29.06 -8.64
C GLU A 349 -7.75 -28.44 -10.06
N ALA A 350 -7.16 -27.26 -10.27
CA ALA A 350 -7.13 -26.60 -11.60
C ALA A 350 -6.45 -27.43 -12.71
N ALA A 351 -5.46 -28.24 -12.34
CA ALA A 351 -4.75 -29.11 -13.30
C ALA A 351 -5.63 -30.25 -13.81
N GLU A 352 -6.27 -30.02 -14.97
CA GLU A 352 -6.99 -31.07 -15.71
C GLU A 352 -7.23 -30.66 -17.17
N PRO B 10 3.97 6.15 12.74
CA PRO B 10 2.56 6.09 12.33
C PRO B 10 2.12 7.34 11.55
N SER B 11 2.35 8.53 12.13
CA SER B 11 2.22 9.80 11.38
C SER B 11 3.55 10.21 10.73
N ALA B 12 4.55 9.33 10.85
CA ALA B 12 5.81 9.43 10.14
C ALA B 12 5.92 8.38 9.01
N ARG B 13 4.78 7.82 8.56
CA ARG B 13 4.80 6.89 7.41
C ARG B 13 4.64 7.61 6.09
N ILE B 14 5.25 7.06 5.06
CA ILE B 14 5.28 7.71 3.77
C ILE B 14 3.87 7.76 3.19
N MET B 15 3.45 8.96 2.81
CA MET B 15 2.14 9.20 2.16
C MET B 15 2.23 9.35 0.65
N THR B 16 1.13 9.00 0.00
CA THR B 16 0.99 9.09 -1.44
C THR B 16 -0.21 10.01 -1.68
N PHE B 17 -0.06 10.89 -2.68
CA PHE B 17 -1.07 11.89 -3.00
C PHE B 17 -1.44 11.83 -4.46
N TYR B 18 -2.70 12.12 -4.75
CA TYR B 18 -3.26 12.01 -6.07
C TYR B 18 -3.91 13.34 -6.46
N PRO B 19 -3.12 14.34 -6.86
CA PRO B 19 -3.75 15.63 -7.18
C PRO B 19 -4.64 15.61 -8.39
N THR B 20 -5.65 16.47 -8.37
CA THR B 20 -6.40 16.76 -9.60
C THR B 20 -5.52 17.71 -10.41
N MET B 21 -5.88 17.94 -11.67
CA MET B 21 -5.13 18.87 -12.52
C MET B 21 -5.13 20.30 -11.96
N GLU B 22 -6.23 20.71 -11.32
CA GLU B 22 -6.28 22.03 -10.69
C GLU B 22 -5.36 22.17 -9.50
N GLU B 23 -5.28 21.13 -8.68
CA GLU B 23 -4.33 21.11 -7.55
C GLU B 23 -2.88 21.01 -8.03
N PHE B 24 -2.66 20.28 -9.10
CA PHE B 24 -1.32 20.03 -9.64
C PHE B 24 -0.66 21.30 -10.21
N ARG B 25 -1.49 22.15 -10.82
CA ARG B 25 -1.07 23.36 -11.51
C ARG B 25 -0.04 24.17 -10.75
N ASN B 26 -0.35 24.49 -9.50
CA ASN B 26 0.50 25.37 -8.69
C ASN B 26 1.39 24.54 -7.74
N PHE B 27 2.67 24.43 -8.10
CA PHE B 27 3.63 23.52 -7.43
C PHE B 27 3.80 23.82 -5.95
N SER B 28 4.22 25.05 -5.64
CA SER B 28 4.53 25.40 -4.26
C SER B 28 3.32 25.34 -3.36
N ARG B 29 2.15 25.60 -3.94
CA ARG B 29 0.89 25.52 -3.25
C ARG B 29 0.59 24.05 -2.91
N TYR B 30 0.71 23.14 -3.88
CA TYR B 30 0.57 21.70 -3.58
C TYR B 30 1.53 21.20 -2.50
N ILE B 31 2.80 21.57 -2.59
CA ILE B 31 3.75 21.18 -1.54
C ILE B 31 3.26 21.64 -0.16
N ALA B 32 2.78 22.88 -0.08
CA ALA B 32 2.25 23.38 1.17
C ALA B 32 1.02 22.58 1.65
N TYR B 33 0.16 22.19 0.72
CA TYR B 33 -0.97 21.31 1.02
C TYR B 33 -0.53 19.97 1.63
N ILE B 34 0.38 19.27 0.95
CA ILE B 34 0.82 17.95 1.49
C ILE B 34 1.52 18.08 2.85
N GLU B 35 2.15 19.21 3.11
CA GLU B 35 2.70 19.44 4.45
C GLU B 35 1.57 19.64 5.47
N SER B 36 0.46 20.27 5.07
CA SER B 36 -0.69 20.41 5.97
C SER B 36 -1.31 19.06 6.33
N GLN B 37 -1.19 18.08 5.43
CA GLN B 37 -1.56 16.69 5.72
C GLN B 37 -0.48 15.87 6.45
N GLY B 38 0.65 16.48 6.81
CA GLY B 38 1.70 15.79 7.57
C GLY B 38 2.74 15.03 6.75
N ALA B 39 2.75 15.24 5.44
CA ALA B 39 3.63 14.44 4.54
C ALA B 39 5.12 14.56 4.86
N HIS B 40 5.50 15.73 5.33
CA HIS B 40 6.88 16.01 5.65
C HIS B 40 7.46 15.21 6.78
N ARG B 41 6.60 14.67 7.63
CA ARG B 41 7.05 13.97 8.83
C ARG B 41 7.79 12.70 8.54
N ALA B 42 7.40 12.03 7.47
CA ALA B 42 8.10 10.84 7.00
C ALA B 42 9.46 11.16 6.37
N GLY B 43 9.58 12.38 5.84
CA GLY B 43 10.80 12.83 5.13
C GLY B 43 10.77 12.59 3.63
N LEU B 44 9.73 11.90 3.17
CA LEU B 44 9.56 11.45 1.80
C LEU B 44 8.07 11.25 1.58
N ALA B 45 7.61 11.65 0.39
CA ALA B 45 6.23 11.52 -0.05
C ALA B 45 6.16 11.25 -1.53
N LYS B 46 5.16 10.49 -1.95
CA LYS B 46 4.93 10.23 -3.34
C LYS B 46 3.76 11.08 -3.81
N VAL B 47 3.91 11.61 -5.03
CA VAL B 47 2.81 12.30 -5.73
C VAL B 47 2.63 11.67 -7.09
N VAL B 48 1.42 11.16 -7.34
CA VAL B 48 1.03 10.55 -8.61
C VAL B 48 0.30 11.65 -9.39
N PRO B 49 0.91 12.08 -10.50
CA PRO B 49 0.27 13.16 -11.25
C PRO B 49 -1.06 12.74 -11.91
N PRO B 50 -1.94 13.72 -12.26
CA PRO B 50 -3.14 13.44 -13.08
C PRO B 50 -2.84 12.56 -14.30
N LYS B 51 -3.70 11.60 -14.62
CA LYS B 51 -3.45 10.70 -15.77
C LYS B 51 -3.37 11.42 -17.12
N GLU B 52 -3.91 12.63 -17.21
CA GLU B 52 -3.86 13.46 -18.41
C GLU B 52 -2.45 14.00 -18.65
N TRP B 53 -1.75 14.33 -17.57
CA TRP B 53 -0.47 15.06 -17.63
C TRP B 53 0.63 14.16 -18.11
N LYS B 54 1.48 14.69 -18.98
CA LYS B 54 2.70 14.01 -19.46
C LYS B 54 3.77 15.03 -19.74
N PRO B 55 5.00 14.80 -19.27
CA PRO B 55 6.05 15.80 -19.44
C PRO B 55 6.69 15.78 -20.83
N ARG B 56 6.54 14.67 -21.54
CA ARG B 56 7.13 14.48 -22.84
C ARG B 56 6.26 13.53 -23.64
N ALA B 57 6.23 13.73 -24.95
CA ALA B 57 5.37 12.97 -25.84
C ALA B 57 5.93 11.57 -26.06
N SER B 58 7.24 11.47 -26.29
CA SER B 58 7.88 10.18 -26.55
C SER B 58 9.31 10.13 -26.03
N TYR B 59 9.75 8.96 -25.58
CA TYR B 59 11.12 8.75 -25.14
C TYR B 59 11.92 7.90 -26.12
N ASP B 60 11.58 7.97 -27.41
CA ASP B 60 12.30 7.22 -28.45
C ASP B 60 13.44 8.03 -29.04
N ASP B 61 13.37 9.35 -28.93
CA ASP B 61 14.31 10.26 -29.58
C ASP B 61 15.54 10.64 -28.75
N ILE B 62 15.85 9.87 -27.71
CA ILE B 62 16.95 10.21 -26.79
C ILE B 62 18.09 9.21 -26.81
N ASP B 63 18.05 8.25 -27.72
CA ASP B 63 19.14 7.25 -27.81
C ASP B 63 20.55 7.81 -28.05
N ASP B 64 20.63 9.00 -28.62
CA ASP B 64 21.90 9.67 -28.89
C ASP B 64 22.37 10.59 -27.76
N LEU B 65 21.56 10.78 -26.72
CA LEU B 65 21.96 11.53 -25.53
C LEU B 65 23.19 10.90 -24.92
N VAL B 66 24.15 11.78 -24.58
CA VAL B 66 25.45 11.40 -24.07
C VAL B 66 25.40 11.44 -22.54
N ILE B 67 25.88 10.38 -21.90
CA ILE B 67 26.10 10.33 -20.46
C ILE B 67 27.60 10.56 -20.31
N PRO B 68 28.02 11.80 -19.98
CA PRO B 68 29.47 12.05 -20.05
C PRO B 68 30.32 11.27 -19.04
N ALA B 69 29.77 11.00 -17.86
CA ALA B 69 30.55 10.45 -16.76
C ALA B 69 29.80 9.33 -16.00
N PRO B 70 29.54 8.20 -16.67
CA PRO B 70 29.06 7.05 -15.92
C PRO B 70 30.02 6.55 -14.87
N ILE B 71 29.44 5.95 -13.84
CA ILE B 71 30.12 5.57 -12.64
C ILE B 71 29.90 4.08 -12.44
N GLN B 72 30.97 3.34 -12.26
CA GLN B 72 30.85 2.02 -11.76
C GLN B 72 30.83 2.05 -10.23
N GLN B 73 29.87 1.37 -9.62
CA GLN B 73 29.69 1.41 -8.14
C GLN B 73 30.26 0.16 -7.49
N LEU B 74 31.47 0.28 -6.95
CA LEU B 74 32.05 -0.78 -6.18
C LEU B 74 31.59 -0.61 -4.74
N VAL B 75 31.23 -1.71 -4.11
CA VAL B 75 30.66 -1.66 -2.76
C VAL B 75 31.40 -2.72 -1.93
N THR B 76 31.99 -2.28 -0.80
CA THR B 76 32.69 -3.14 0.13
C THR B 76 31.99 -3.09 1.49
N GLY B 77 31.75 -4.24 2.09
CA GLY B 77 31.26 -4.29 3.46
C GLY B 77 30.69 -5.62 3.83
N GLN B 78 30.02 -5.66 4.97
CA GLN B 78 29.47 -6.88 5.55
C GLN B 78 28.49 -6.52 6.68
N SER B 79 27.71 -7.51 7.10
CA SER B 79 26.74 -7.37 8.21
C SER B 79 25.88 -6.11 8.13
N GLY B 80 25.40 -5.83 6.92
CA GLY B 80 24.51 -4.74 6.64
C GLY B 80 25.10 -3.34 6.57
N LEU B 81 26.42 -3.21 6.67
CA LEU B 81 27.11 -1.94 6.64
C LEU B 81 28.09 -1.89 5.48
N PHE B 82 27.98 -0.90 4.60
CA PHE B 82 28.78 -0.87 3.38
C PHE B 82 29.26 0.53 3.04
N THR B 83 30.33 0.58 2.26
CA THR B 83 30.86 1.81 1.72
C THR B 83 30.95 1.59 0.20
N GLN B 84 30.51 2.60 -0.53
CA GLN B 84 30.45 2.59 -1.96
C GLN B 84 31.55 3.48 -2.54
N TYR B 85 32.30 2.96 -3.50
CA TYR B 85 33.35 3.70 -4.17
C TYR B 85 33.03 3.83 -5.65
N ASN B 86 33.18 5.05 -6.17
CA ASN B 86 32.83 5.38 -7.53
C ASN B 86 34.07 5.35 -8.40
N ILE B 87 34.01 4.55 -9.45
CA ILE B 87 35.02 4.56 -10.52
C ILE B 87 34.36 5.13 -11.75
N GLN B 88 34.81 6.30 -12.18
CA GLN B 88 34.28 6.92 -13.37
C GLN B 88 34.71 6.11 -14.61
N LYS B 89 33.81 5.97 -15.56
CA LYS B 89 34.10 5.27 -16.80
C LYS B 89 34.00 6.24 -17.95
N LYS B 90 34.38 5.80 -19.14
CA LYS B 90 34.35 6.66 -20.31
C LYS B 90 32.90 6.97 -20.71
N ALA B 91 32.70 8.12 -21.35
CA ALA B 91 31.40 8.49 -21.88
C ALA B 91 30.76 7.39 -22.72
N MET B 92 29.42 7.41 -22.72
CA MET B 92 28.63 6.50 -23.50
C MET B 92 27.29 7.17 -23.79
N THR B 93 26.59 6.62 -24.78
CA THR B 93 25.25 7.06 -25.14
C THR B 93 24.23 6.26 -24.30
N VAL B 94 22.99 6.74 -24.27
CA VAL B 94 21.89 6.02 -23.64
C VAL B 94 21.69 4.66 -24.28
N ARG B 95 21.80 4.60 -25.62
CA ARG B 95 21.69 3.32 -26.32
C ARG B 95 22.70 2.31 -25.79
N GLU B 96 23.96 2.72 -25.69
CA GLU B 96 25.03 1.83 -25.19
C GLU B 96 24.85 1.45 -23.72
N PHE B 97 24.41 2.42 -22.92
CA PHE B 97 24.06 2.14 -21.50
C PHE B 97 22.94 1.10 -21.41
N ARG B 98 21.83 1.37 -22.12
CA ARG B 98 20.68 0.46 -22.13
C ARG B 98 21.05 -0.96 -22.50
N LYS B 99 21.89 -1.11 -23.51
CA LYS B 99 22.36 -2.44 -23.92
C LYS B 99 23.06 -3.18 -22.80
N ILE B 100 23.90 -2.46 -22.06
CA ILE B 100 24.59 -3.09 -20.93
C ILE B 100 23.58 -3.42 -19.82
N ALA B 101 22.73 -2.45 -19.49
CA ALA B 101 21.69 -2.60 -18.46
C ALA B 101 20.80 -3.80 -18.72
N ASN B 102 20.35 -3.93 -19.97
CA ASN B 102 19.46 -5.02 -20.36
C ASN B 102 20.17 -6.31 -20.71
N SER B 103 21.50 -6.30 -20.81
CA SER B 103 22.30 -7.54 -21.03
C SER B 103 22.14 -8.54 -19.93
N ASP B 104 22.42 -9.79 -20.26
CA ASP B 104 22.32 -10.89 -19.29
C ASP B 104 23.14 -10.71 -18.02
N LYS B 105 24.26 -10.02 -18.14
CA LYS B 105 25.20 -9.84 -17.03
C LYS B 105 24.61 -8.89 -15.96
N TYR B 106 23.94 -7.83 -16.39
CA TYR B 106 23.48 -6.77 -15.52
C TYR B 106 21.97 -6.66 -15.30
N CYS B 107 21.15 -7.43 -16.04
CA CYS B 107 19.70 -7.26 -15.98
C CYS B 107 19.14 -7.73 -14.63
N THR B 108 17.96 -7.23 -14.32
CA THR B 108 17.24 -7.58 -13.10
C THR B 108 17.07 -9.09 -12.97
N PRO B 109 17.31 -9.67 -11.79
CA PRO B 109 17.07 -11.09 -11.69
C PRO B 109 15.57 -11.43 -11.60
N ARG B 110 15.27 -12.72 -11.71
CA ARG B 110 13.90 -13.20 -11.58
C ARG B 110 13.42 -13.05 -10.14
N TYR B 111 12.21 -12.55 -9.98
CA TYR B 111 11.62 -12.49 -8.66
C TYR B 111 10.10 -12.37 -8.73
N SER B 112 9.42 -12.60 -7.60
CA SER B 112 7.95 -12.49 -7.53
C SER B 112 7.48 -11.20 -6.86
N GLU B 113 7.81 -11.04 -5.57
CA GLU B 113 7.37 -9.90 -4.76
C GLU B 113 8.54 -8.95 -4.55
N PHE B 114 8.26 -7.68 -4.26
CA PHE B 114 9.32 -6.73 -3.90
C PHE B 114 10.25 -7.28 -2.83
N GLU B 115 9.70 -7.98 -1.84
CA GLU B 115 10.52 -8.49 -0.75
C GLU B 115 11.64 -9.40 -1.24
N GLU B 116 11.38 -10.18 -2.30
CA GLU B 116 12.39 -11.06 -2.85
C GLU B 116 13.45 -10.23 -3.58
N LEU B 117 13.03 -9.25 -4.39
CA LEU B 117 14.01 -8.39 -5.05
C LEU B 117 14.91 -7.63 -4.06
N GLU B 118 14.30 -7.14 -2.99
CA GLU B 118 15.00 -6.45 -1.91
C GLU B 118 16.03 -7.33 -1.23
N ARG B 119 15.64 -8.59 -0.92
CA ARG B 119 16.60 -9.55 -0.36
C ARG B 119 17.75 -9.75 -1.33
N LYS B 120 17.47 -9.86 -2.64
CA LYS B 120 18.54 -9.98 -3.63
C LYS B 120 19.44 -8.77 -3.70
N TYR B 121 18.86 -7.56 -3.60
CA TYR B 121 19.69 -6.39 -3.51
C TYR B 121 20.69 -6.47 -2.37
N TRP B 122 20.20 -6.67 -1.14
CA TRP B 122 21.07 -6.65 0.05
C TRP B 122 22.03 -7.83 0.11
N LYS B 123 21.67 -8.94 -0.53
CA LYS B 123 22.56 -10.07 -0.59
C LYS B 123 23.68 -9.92 -1.65
N ASN B 124 23.41 -9.30 -2.79
CA ASN B 124 24.33 -9.23 -3.91
C ASN B 124 24.94 -7.85 -4.20
N LEU B 125 24.77 -6.96 -3.24
CA LEU B 125 25.20 -5.57 -3.30
C LEU B 125 26.67 -5.39 -3.65
N THR B 126 27.50 -6.26 -3.08
CA THR B 126 28.95 -6.18 -3.26
C THR B 126 29.51 -6.95 -4.47
N PHE B 127 28.65 -7.69 -5.18
CA PHE B 127 29.04 -8.48 -6.34
C PHE B 127 28.65 -7.76 -7.61
N ASN B 128 29.36 -8.08 -8.69
CA ASN B 128 29.01 -7.63 -10.01
C ASN B 128 28.69 -6.11 -10.11
N PRO B 129 29.68 -5.28 -9.83
CA PRO B 129 29.44 -3.82 -9.75
C PRO B 129 28.74 -3.23 -10.96
N PRO B 130 27.58 -2.60 -10.77
CA PRO B 130 26.87 -2.03 -11.88
C PRO B 130 27.42 -0.67 -12.27
N ILE B 131 26.83 -0.08 -13.32
CA ILE B 131 27.20 1.22 -13.86
C ILE B 131 26.00 2.08 -13.71
N TYR B 132 26.19 3.29 -13.19
CA TYR B 132 25.12 4.24 -12.97
C TYR B 132 25.39 5.44 -13.85
N GLY B 133 24.41 5.82 -14.66
CA GLY B 133 24.51 6.98 -15.54
C GLY B 133 24.07 8.21 -14.84
N ALA B 134 24.85 8.63 -13.84
CA ALA B 134 24.42 9.67 -12.90
C ALA B 134 24.83 11.09 -13.25
N ASP B 135 24.12 12.05 -12.66
CA ASP B 135 24.48 13.46 -12.69
C ASP B 135 24.64 14.03 -14.11
N VAL B 136 23.75 13.63 -15.01
CA VAL B 136 23.77 14.14 -16.37
C VAL B 136 22.98 15.43 -16.40
N ASN B 137 23.65 16.52 -16.76
CA ASN B 137 22.98 17.82 -16.84
C ASN B 137 22.00 17.75 -17.98
N GLY B 138 20.75 18.18 -17.76
CA GLY B 138 19.71 18.15 -18.79
C GLY B 138 18.32 17.86 -18.24
N THR B 139 17.31 18.13 -19.07
CA THR B 139 15.90 17.89 -18.75
C THR B 139 15.31 17.08 -19.89
N LEU B 140 14.34 16.21 -19.61
CA LEU B 140 13.60 15.54 -20.69
C LEU B 140 12.19 16.09 -20.79
N TYR B 141 11.89 17.17 -20.09
CA TYR B 141 10.61 17.84 -20.26
C TYR B 141 10.62 18.61 -21.62
N GLU B 142 9.45 18.71 -22.24
CA GLU B 142 9.26 19.61 -23.38
C GLU B 142 9.06 21.02 -22.82
N LYS B 143 9.36 22.01 -23.65
CA LYS B 143 9.33 23.42 -23.27
C LYS B 143 7.96 23.95 -22.89
N HIS B 144 6.93 23.45 -23.55
CA HIS B 144 5.54 23.85 -23.28
C HIS B 144 4.98 23.41 -21.90
N VAL B 145 5.57 22.38 -21.30
CA VAL B 145 5.00 21.78 -20.07
C VAL B 145 5.20 22.72 -18.89
N ASP B 146 4.11 23.33 -18.41
CA ASP B 146 4.17 24.31 -17.31
C ASP B 146 3.87 23.75 -15.91
N GLU B 147 3.43 22.50 -15.79
CA GLU B 147 3.10 21.95 -14.47
C GLU B 147 4.23 21.03 -14.02
N TRP B 148 4.74 21.27 -12.82
CA TRP B 148 5.77 20.42 -12.19
C TRP B 148 7.01 20.24 -13.06
N ASN B 149 7.43 21.34 -13.67
CA ASN B 149 8.55 21.33 -14.59
C ASN B 149 9.80 21.47 -13.79
N ILE B 150 10.59 20.42 -13.74
CA ILE B 150 11.76 20.39 -12.87
C ILE B 150 12.80 21.48 -13.20
N GLY B 151 12.84 21.91 -14.47
CA GLY B 151 13.72 22.99 -14.91
C GLY B 151 13.38 24.38 -14.37
N ARG B 152 12.12 24.60 -14.00
CA ARG B 152 11.66 25.92 -13.60
C ARG B 152 10.44 25.81 -12.66
N LEU B 153 10.68 25.37 -11.43
CA LEU B 153 9.60 25.18 -10.47
C LEU B 153 9.10 26.49 -9.87
N ARG B 154 9.91 27.55 -9.92
CA ARG B 154 9.54 28.87 -9.39
C ARG B 154 9.30 28.79 -7.87
N THR B 155 10.34 28.39 -7.15
CA THR B 155 10.32 28.43 -5.70
C THR B 155 11.38 29.41 -5.29
N ILE B 156 11.38 29.73 -4.01
CA ILE B 156 12.32 30.72 -3.49
C ILE B 156 13.77 30.34 -3.61
N LEU B 157 14.08 29.07 -3.92
CA LEU B 157 15.46 28.70 -4.18
C LEU B 157 16.04 29.48 -5.36
N ASP B 158 15.19 29.86 -6.30
CA ASP B 158 15.61 30.69 -7.46
C ASP B 158 16.34 31.97 -7.07
N LEU B 159 16.07 32.50 -5.87
CA LEU B 159 16.84 33.63 -5.31
C LEU B 159 18.34 33.45 -5.24
N VAL B 160 18.84 32.21 -5.30
CA VAL B 160 20.28 32.00 -5.39
C VAL B 160 20.80 32.44 -6.79
N GLU B 161 20.06 32.13 -7.86
CA GLU B 161 20.46 32.56 -9.21
C GLU B 161 20.21 34.05 -9.40
N LYS B 162 18.97 34.44 -9.16
CA LYS B 162 18.47 35.81 -9.41
C LYS B 162 18.84 36.83 -8.32
N GLU B 163 19.81 36.50 -7.45
CA GLU B 163 20.53 37.48 -6.65
C GLU B 163 22.06 37.33 -6.69
N SER B 164 22.58 36.32 -7.39
CA SER B 164 24.03 36.25 -7.56
C SER B 164 24.53 35.57 -8.86
N GLY B 165 23.63 35.33 -9.80
CA GLY B 165 23.96 34.52 -10.98
C GLY B 165 24.61 33.16 -10.70
N ILE B 166 24.55 32.70 -9.45
CA ILE B 166 25.22 31.46 -9.03
C ILE B 166 24.36 30.31 -9.48
N THR B 167 24.91 29.47 -10.37
CA THR B 167 24.23 28.22 -10.74
C THR B 167 25.00 27.04 -10.14
N ILE B 168 24.25 26.11 -9.57
CA ILE B 168 24.80 24.94 -8.87
C ILE B 168 24.16 23.75 -9.54
N GLU B 169 24.97 23.04 -10.32
CA GLU B 169 24.45 21.99 -11.18
C GLU B 169 23.82 20.86 -10.36
N GLY B 170 22.62 20.46 -10.79
CA GLY B 170 21.78 19.51 -10.06
C GLY B 170 21.07 20.04 -8.82
N VAL B 171 21.43 21.23 -8.32
CA VAL B 171 20.75 21.89 -7.19
C VAL B 171 19.67 22.87 -7.65
N ASN B 172 20.05 23.94 -8.36
CA ASN B 172 19.04 24.79 -9.03
C ASN B 172 18.96 24.55 -10.55
N THR B 173 19.56 23.47 -11.04
CA THR B 173 19.33 23.01 -12.42
C THR B 173 19.02 21.51 -12.37
N PRO B 174 18.54 20.95 -13.50
CA PRO B 174 18.14 19.53 -13.46
C PRO B 174 19.23 18.54 -13.77
N TYR B 175 19.17 17.36 -13.15
CA TYR B 175 20.05 16.25 -13.42
C TYR B 175 19.22 15.08 -13.94
N LEU B 176 19.79 14.28 -14.80
CA LEU B 176 19.21 13.00 -15.18
C LEU B 176 20.06 11.90 -14.61
N TYR B 177 19.39 10.80 -14.32
CA TYR B 177 19.98 9.60 -13.76
C TYR B 177 19.44 8.43 -14.53
N PHE B 178 20.35 7.74 -15.23
CA PHE B 178 20.08 6.48 -15.90
C PHE B 178 20.52 5.32 -15.05
N GLY B 179 19.55 4.51 -14.61
CA GLY B 179 19.87 3.44 -13.71
C GLY B 179 19.93 2.10 -14.38
N MET B 180 20.54 1.16 -13.68
CA MET B 180 20.36 -0.26 -14.01
C MET B 180 20.11 -1.02 -12.72
N TRP B 181 19.89 -2.33 -12.84
CA TRP B 181 19.64 -3.14 -11.69
C TRP B 181 20.77 -2.94 -10.70
N LYS B 182 20.39 -2.71 -9.44
CA LYS B 182 21.30 -2.72 -8.30
C LYS B 182 22.13 -1.46 -8.18
N THR B 183 21.91 -0.43 -9.01
CA THR B 183 22.57 0.81 -8.81
C THR B 183 21.90 1.49 -7.60
N SER B 184 22.72 2.15 -6.79
CA SER B 184 22.31 2.60 -5.44
C SER B 184 22.46 4.09 -5.22
N PHE B 185 21.62 4.64 -4.35
CA PHE B 185 21.91 5.93 -3.73
C PHE B 185 22.02 5.72 -2.21
N ALA B 186 23.14 6.16 -1.68
CA ALA B 186 23.50 5.98 -0.29
C ALA B 186 22.71 6.94 0.62
N TRP B 187 22.80 6.71 1.92
CA TRP B 187 22.05 7.46 2.88
C TRP B 187 22.50 8.89 2.92
N HIS B 188 21.59 9.82 2.75
CA HIS B 188 21.93 11.23 2.79
C HIS B 188 20.69 12.08 2.93
N THR B 189 20.88 13.32 3.41
CA THR B 189 19.95 14.40 3.15
C THR B 189 20.50 15.26 2.00
N GLU B 190 19.66 16.13 1.44
CA GLU B 190 20.07 17.01 0.36
C GLU B 190 21.10 18.01 0.85
N ASP B 191 21.93 18.52 -0.05
CA ASP B 191 22.82 19.62 0.31
C ASP B 191 22.03 20.80 0.89
N MET B 192 22.59 21.44 1.90
CA MET B 192 21.92 22.50 2.67
C MET B 192 20.59 22.08 3.26
N ASP B 193 20.39 20.78 3.41
CA ASP B 193 19.10 20.20 3.84
C ASP B 193 17.86 20.72 3.09
N LEU B 194 18.05 20.89 1.78
CA LEU B 194 16.98 21.36 0.90
C LEU B 194 15.95 20.26 0.68
N TYR B 195 14.85 20.62 0.02
CA TYR B 195 13.94 19.66 -0.53
C TYR B 195 14.52 19.14 -1.83
N SER B 196 14.09 17.95 -2.25
CA SER B 196 14.32 17.53 -3.63
C SER B 196 13.04 17.02 -4.26
N ILE B 197 13.05 16.97 -5.59
CA ILE B 197 11.97 16.46 -6.40
C ILE B 197 12.62 15.47 -7.35
N ASN B 198 11.98 14.31 -7.55
CA ASN B 198 12.49 13.20 -8.40
C ASN B 198 11.31 12.67 -9.19
N TYR B 199 11.44 12.69 -10.51
CA TYR B 199 10.43 12.17 -11.40
C TYR B 199 11.05 11.02 -12.14
N LEU B 200 10.41 9.86 -12.10
CA LEU B 200 10.82 8.69 -12.86
C LEU B 200 10.17 8.74 -14.27
N HIS B 201 10.95 9.11 -15.29
CA HIS B 201 10.42 9.28 -16.66
C HIS B 201 9.90 7.97 -17.26
N PHE B 202 10.73 6.96 -17.27
CA PHE B 202 10.36 5.66 -17.78
C PHE B 202 11.20 4.59 -17.13
N GLY B 203 10.76 3.34 -17.28
CA GLY B 203 11.58 2.19 -17.04
C GLY B 203 11.16 1.47 -15.77
N GLU B 204 12.09 0.70 -15.25
CA GLU B 204 11.88 -0.10 -14.08
C GLU B 204 11.85 0.76 -12.81
N PRO B 205 11.24 0.24 -11.73
CA PRO B 205 11.05 1.10 -10.55
C PRO B 205 12.34 1.47 -9.81
N LYS B 206 12.19 2.45 -8.92
CA LYS B 206 13.22 2.89 -7.99
C LYS B 206 12.62 2.70 -6.58
N SER B 207 13.30 1.96 -5.71
CA SER B 207 12.80 1.80 -4.33
C SER B 207 13.60 2.66 -3.40
N TRP B 208 12.92 3.16 -2.38
CA TRP B 208 13.41 4.19 -1.48
C TRP B 208 13.21 3.73 -0.02
N TYR B 209 14.16 4.12 0.83
CA TYR B 209 14.05 4.07 2.27
C TYR B 209 14.13 5.49 2.81
N SER B 210 13.45 5.74 3.91
CA SER B 210 13.36 7.06 4.49
C SER B 210 13.43 6.98 5.99
N VAL B 211 14.11 7.92 6.64
CA VAL B 211 14.07 8.09 8.10
C VAL B 211 13.41 9.44 8.39
N PRO B 212 12.41 9.44 9.28
CA PRO B 212 11.76 10.70 9.63
C PRO B 212 12.76 11.74 10.07
N PRO B 213 12.58 12.98 9.62
CA PRO B 213 13.50 14.03 10.07
C PRO B 213 13.62 14.11 11.57
N GLU B 214 12.53 13.86 12.31
CA GLU B 214 12.65 13.84 13.78
C GLU B 214 13.50 12.71 14.35
N HIS B 215 13.87 11.70 13.56
CA HIS B 215 14.87 10.71 14.01
C HIS B 215 16.20 10.78 13.26
N GLY B 216 16.40 11.81 12.45
CA GLY B 216 17.63 11.98 11.70
C GLY B 216 18.91 11.92 12.50
N LYS B 217 18.93 12.61 13.65
CA LYS B 217 20.13 12.65 14.51
C LYS B 217 20.54 11.29 15.00
N ARG B 218 19.55 10.44 15.27
CA ARG B 218 19.79 9.09 15.73
C ARG B 218 20.42 8.25 14.64
N LEU B 219 19.96 8.40 13.40
CA LEU B 219 20.69 7.76 12.29
C LEU B 219 22.15 8.22 12.26
N GLU B 220 22.39 9.52 12.39
CA GLU B 220 23.77 10.08 12.40
C GLU B 220 24.66 9.52 13.51
N ARG B 221 24.12 9.45 14.73
CA ARG B 221 24.83 8.80 15.84
C ARG B 221 25.13 7.35 15.53
N LEU B 222 24.18 6.64 14.97
CA LEU B 222 24.45 5.29 14.56
C LEU B 222 25.61 5.18 13.53
N ALA B 223 25.55 5.97 12.47
CA ALA B 223 26.55 5.87 11.41
C ALA B 223 27.96 6.24 11.93
N LYS B 224 28.04 7.27 12.77
CA LYS B 224 29.28 7.63 13.49
C LYS B 224 29.87 6.45 14.28
N GLY B 225 29.01 5.74 15.01
CA GLY B 225 29.41 4.52 15.73
C GLY B 225 30.00 3.45 14.82
N PHE B 226 29.43 3.25 13.64
CA PHE B 226 29.95 2.24 12.71
C PHE B 226 31.10 2.69 11.84
N PHE B 227 31.27 4.00 11.67
CA PHE B 227 32.38 4.55 10.84
C PHE B 227 33.11 5.67 11.57
N PRO B 228 33.76 5.35 12.74
CA PRO B 228 34.40 6.36 13.57
C PRO B 228 35.53 7.14 12.87
N GLY B 229 36.31 6.44 12.04
CA GLY B 229 37.37 7.06 11.22
C GLY B 229 36.85 8.12 10.26
N SER B 230 35.76 7.79 9.54
CA SER B 230 35.11 8.71 8.61
C SER B 230 34.52 9.91 9.35
N ALA B 231 33.76 9.63 10.41
CA ALA B 231 33.18 10.66 11.26
C ALA B 231 34.26 11.57 11.86
N GLN B 232 35.40 11.01 12.24
CA GLN B 232 36.54 11.82 12.71
C GLN B 232 37.14 12.76 11.65
N SER B 233 37.18 12.35 10.38
CA SER B 233 37.75 13.22 9.33
C SER B 233 36.76 14.24 8.80
N CYS B 234 35.46 14.03 9.07
CA CYS B 234 34.42 14.93 8.62
C CYS B 234 33.16 14.61 9.41
N GLU B 235 32.65 15.57 10.16
CA GLU B 235 31.42 15.36 10.95
C GLU B 235 30.23 14.99 10.03
N ALA B 236 30.07 15.79 8.96
CA ALA B 236 29.09 15.51 7.91
C ALA B 236 29.50 14.44 6.86
N PHE B 237 30.15 13.35 7.25
CA PHE B 237 30.65 12.36 6.27
C PHE B 237 29.54 11.68 5.43
N LEU B 238 28.34 11.59 6.00
CA LEU B 238 27.21 11.04 5.24
C LEU B 238 26.96 11.82 3.97
N ARG B 239 27.36 13.10 3.96
CA ARG B 239 27.27 13.91 2.75
C ARG B 239 28.18 13.46 1.62
N HIS B 240 29.16 12.61 1.90
CA HIS B 240 29.97 12.01 0.84
C HIS B 240 29.15 11.04 0.00
N LYS B 241 27.98 10.60 0.48
CA LYS B 241 27.07 9.75 -0.28
C LYS B 241 27.72 8.41 -0.64
N MET B 242 28.47 7.86 0.31
CA MET B 242 29.14 6.59 0.18
C MET B 242 28.70 5.55 1.21
N THR B 243 27.79 5.88 2.12
CA THR B 243 27.47 4.98 3.22
C THR B 243 26.14 4.27 2.99
N LEU B 244 26.15 2.94 2.94
CA LEU B 244 24.93 2.16 2.77
C LEU B 244 24.65 1.32 4.00
N ILE B 245 23.41 1.31 4.42
CA ILE B 245 23.04 0.67 5.66
C ILE B 245 21.73 -0.06 5.43
N SER B 246 21.71 -1.35 5.69
CA SER B 246 20.54 -2.14 5.36
C SER B 246 19.42 -1.90 6.36
N PRO B 247 18.19 -2.15 5.93
CA PRO B 247 17.04 -2.03 6.80
C PRO B 247 17.08 -2.98 7.99
N LEU B 248 17.72 -4.14 7.84
CA LEU B 248 17.90 -5.08 8.93
C LEU B 248 18.72 -4.44 10.04
N MET B 249 19.76 -3.67 9.66
CA MET B 249 20.52 -2.95 10.65
C MET B 249 19.76 -1.80 11.26
N LEU B 250 19.02 -1.03 10.46
CA LEU B 250 18.19 0.03 11.06
C LEU B 250 17.23 -0.53 12.13
N LYS B 251 16.61 -1.66 11.82
CA LYS B 251 15.63 -2.26 12.72
C LYS B 251 16.31 -2.78 13.98
N LYS B 252 17.42 -3.49 13.81
CA LYS B 252 18.22 -3.94 14.95
C LYS B 252 18.59 -2.84 15.96
N TYR B 253 19.00 -1.67 15.44
CA TYR B 253 19.39 -0.55 16.28
C TYR B 253 18.24 0.39 16.63
N GLY B 254 17.01 -0.01 16.31
CA GLY B 254 15.83 0.75 16.67
C GLY B 254 15.65 2.08 15.96
N ILE B 255 16.26 2.29 14.77
CA ILE B 255 15.95 3.49 13.97
C ILE B 255 14.66 3.31 13.19
N PRO B 256 13.65 4.19 13.39
CA PRO B 256 12.45 4.10 12.55
C PRO B 256 12.74 4.47 11.08
N PHE B 257 12.09 3.75 10.18
CA PHE B 257 12.25 4.00 8.74
C PHE B 257 11.03 3.48 8.03
N ASP B 258 10.79 3.97 6.83
CA ASP B 258 9.74 3.44 6.00
C ASP B 258 10.34 3.15 4.62
N LYS B 259 9.59 2.43 3.77
CA LYS B 259 10.00 2.12 2.41
C LYS B 259 8.88 2.33 1.43
N VAL B 260 9.24 2.61 0.19
CA VAL B 260 8.27 2.83 -0.85
C VAL B 260 8.96 2.61 -2.17
N THR B 261 8.21 2.10 -3.14
CA THR B 261 8.70 1.85 -4.48
C THR B 261 8.01 2.87 -5.39
N GLN B 262 8.82 3.57 -6.18
CA GLN B 262 8.39 4.61 -7.11
C GLN B 262 8.32 3.97 -8.49
N GLU B 263 7.20 4.10 -9.18
CA GLU B 263 7.00 3.54 -10.52
C GLU B 263 7.12 4.64 -11.56
N ALA B 264 7.29 4.26 -12.82
CA ALA B 264 7.48 5.26 -13.90
C ALA B 264 6.26 6.14 -13.92
N GLY B 265 6.45 7.45 -14.09
CA GLY B 265 5.31 8.36 -14.11
C GLY B 265 4.98 8.98 -12.77
N GLU B 266 5.73 8.62 -11.71
CA GLU B 266 5.48 9.13 -10.35
C GLU B 266 6.58 10.03 -9.85
N PHE B 267 6.21 11.01 -9.03
CA PHE B 267 7.14 11.87 -8.36
C PHE B 267 7.39 11.39 -6.93
N MET B 268 8.66 11.51 -6.49
CA MET B 268 9.01 11.47 -5.10
C MET B 268 9.51 12.85 -4.69
N ILE B 269 9.02 13.32 -3.56
CA ILE B 269 9.48 14.52 -2.89
C ILE B 269 10.22 14.12 -1.63
N THR B 270 11.40 14.71 -1.44
CA THR B 270 12.10 14.61 -0.18
C THR B 270 12.13 15.95 0.53
N PHE B 271 12.09 15.88 1.86
CA PHE B 271 11.87 17.03 2.69
C PHE B 271 13.10 17.38 3.45
N PRO B 272 13.19 18.63 3.93
CA PRO B 272 14.39 19.03 4.66
C PRO B 272 14.76 18.08 5.79
N TYR B 273 16.01 17.66 5.80
CA TYR B 273 16.54 16.78 6.81
C TYR B 273 15.91 15.37 6.78
N GLY B 274 15.32 14.99 5.66
CA GLY B 274 14.82 13.64 5.47
C GLY B 274 15.94 12.80 4.91
N TYR B 275 16.48 11.92 5.71
CA TYR B 275 17.49 10.96 5.23
C TYR B 275 16.84 9.96 4.32
N HIS B 276 17.47 9.72 3.17
CA HIS B 276 16.92 8.77 2.19
C HIS B 276 18.02 7.96 1.55
N ALA B 277 17.64 6.79 1.07
CA ALA B 277 18.55 5.91 0.34
C ALA B 277 17.72 4.97 -0.52
N GLY B 278 18.36 4.27 -1.44
CA GLY B 278 17.61 3.30 -2.19
C GLY B 278 18.36 2.68 -3.33
N PHE B 279 17.60 2.10 -4.26
CA PHE B 279 18.17 1.36 -5.37
C PHE B 279 17.21 1.24 -6.57
N ASN B 280 17.79 1.09 -7.76
CA ASN B 280 17.02 0.91 -8.99
C ASN B 280 16.80 -0.55 -9.35
N HIS B 281 15.60 -0.86 -9.83
CA HIS B 281 15.23 -2.26 -10.09
C HIS B 281 15.76 -2.73 -11.44
N GLY B 282 15.95 -1.79 -12.37
CA GLY B 282 16.48 -2.11 -13.69
C GLY B 282 16.64 -0.84 -14.45
N PHE B 283 16.66 -0.93 -15.78
CA PHE B 283 16.91 0.22 -16.62
C PHE B 283 15.82 1.27 -16.46
N ASN B 284 16.23 2.51 -16.15
CA ASN B 284 15.30 3.58 -15.98
C ASN B 284 15.95 4.91 -16.13
N CYS B 285 15.14 5.95 -16.10
CA CYS B 285 15.58 7.30 -16.21
C CYS B 285 14.79 8.19 -15.30
N ALA B 286 15.49 8.94 -14.47
CA ALA B 286 14.88 9.84 -13.50
C ALA B 286 15.48 11.22 -13.64
N GLU B 287 14.67 12.24 -13.42
CA GLU B 287 15.15 13.62 -13.41
C GLU B 287 14.92 14.20 -12.04
N SER B 288 15.87 14.99 -11.54
CA SER B 288 15.70 15.63 -10.23
C SER B 288 16.40 16.96 -10.11
N THR B 289 16.04 17.68 -9.05
CA THR B 289 16.67 18.96 -8.68
C THR B 289 16.21 19.29 -7.24
N ASN B 290 16.79 20.33 -6.67
CA ASN B 290 16.37 20.81 -5.38
C ASN B 290 15.40 21.95 -5.49
N PHE B 291 14.69 22.21 -4.40
CA PHE B 291 13.85 23.37 -4.28
C PHE B 291 13.71 23.76 -2.82
N ALA B 292 13.04 24.87 -2.58
CA ALA B 292 12.88 25.41 -1.24
C ALA B 292 11.47 25.86 -1.01
N THR B 293 11.11 26.02 0.26
CA THR B 293 9.92 26.73 0.69
C THR B 293 10.38 27.63 1.83
N ARG B 294 9.49 28.43 2.39
CA ARG B 294 9.84 29.26 3.55
C ARG B 294 10.29 28.42 4.73
N ARG B 295 9.67 27.26 4.93
CA ARG B 295 10.06 26.36 6.05
C ARG B 295 11.52 25.93 6.00
N TRP B 296 12.03 25.72 4.79
CA TRP B 296 13.43 25.33 4.62
C TRP B 296 14.46 26.29 5.19
N ILE B 297 14.15 27.59 5.25
CA ILE B 297 15.19 28.59 5.55
C ILE B 297 15.91 28.28 6.84
N GLU B 298 15.16 27.91 7.87
CA GLU B 298 15.78 27.55 9.14
C GLU B 298 16.71 26.32 9.07
N TYR B 299 16.31 25.34 8.28
CA TYR B 299 17.17 24.15 8.06
C TYR B 299 18.46 24.54 7.39
N GLY B 300 18.33 25.38 6.37
CA GLY B 300 19.48 25.93 5.65
C GLY B 300 20.45 26.61 6.56
N LYS B 301 19.90 27.42 7.48
CA LYS B 301 20.74 28.12 8.46
C LYS B 301 21.45 27.18 9.38
N GLN B 302 20.82 26.05 9.72
CA GLN B 302 21.40 25.13 10.68
C GLN B 302 22.13 23.93 10.10
N ALA B 303 22.23 23.83 8.77
CA ALA B 303 22.73 22.59 8.17
C ALA B 303 24.17 22.37 8.55
N VAL B 304 24.53 21.12 8.91
CA VAL B 304 25.93 20.76 9.19
C VAL B 304 26.59 20.31 7.89
N LEU B 305 27.61 21.06 7.47
CA LEU B 305 28.18 20.89 6.14
C LEU B 305 29.49 20.10 6.14
N CYS B 306 29.77 19.47 5.02
CA CYS B 306 31.04 18.86 4.78
C CYS B 306 31.98 19.99 4.35
N SER B 307 33.08 20.14 5.06
CA SER B 307 34.17 21.00 4.59
C SER B 307 35.46 20.22 4.25
N CYS B 308 35.47 18.89 4.37
CA CYS B 308 36.69 18.12 4.10
C CYS B 308 37.04 18.01 2.60
N ARG B 309 36.09 18.32 1.72
CA ARG B 309 36.28 18.32 0.29
C ARG B 309 36.00 19.72 -0.22
N LYS B 310 36.41 19.97 -1.46
CA LYS B 310 36.67 21.33 -1.95
C LYS B 310 35.47 22.00 -2.61
N ASP B 311 34.83 21.26 -3.51
CA ASP B 311 33.74 21.81 -4.35
C ASP B 311 32.34 21.67 -3.74
N MET B 312 32.25 21.40 -2.44
CA MET B 312 30.98 20.98 -1.81
C MET B 312 29.96 22.13 -1.87
N VAL B 313 28.69 21.77 -1.96
CA VAL B 313 27.64 22.76 -2.19
C VAL B 313 27.39 23.54 -0.92
N LYS B 314 27.68 24.84 -1.01
CA LYS B 314 27.49 25.79 0.08
C LYS B 314 26.72 26.99 -0.48
N ILE B 315 25.53 27.21 0.05
CA ILE B 315 24.68 28.31 -0.36
C ILE B 315 24.74 29.30 0.79
N SER B 316 24.98 30.55 0.45
CA SER B 316 24.90 31.65 1.42
C SER B 316 23.45 31.87 1.83
N MET B 317 23.21 31.84 3.13
CA MET B 317 21.83 32.00 3.66
C MET B 317 21.42 33.47 3.80
N ASP B 318 22.37 34.37 3.59
CA ASP B 318 22.18 35.78 3.89
C ASP B 318 20.94 36.33 3.19
N VAL B 319 20.83 36.10 1.89
CA VAL B 319 19.70 36.60 1.14
C VAL B 319 18.36 36.14 1.70
N PHE B 320 18.33 34.89 2.20
CA PHE B 320 17.08 34.34 2.71
C PHE B 320 16.70 34.94 4.02
N VAL B 321 17.69 35.11 4.89
CA VAL B 321 17.41 35.60 6.24
C VAL B 321 16.98 37.09 6.10
N ARG B 322 17.69 37.82 5.25
CA ARG B 322 17.40 39.25 4.99
C ARG B 322 15.97 39.45 4.52
N LYS B 323 15.58 38.71 3.49
CA LYS B 323 14.26 38.87 2.90
C LYS B 323 13.10 38.31 3.76
N PHE B 324 13.24 37.10 4.29
CA PHE B 324 12.13 36.39 4.93
C PHE B 324 12.16 36.40 6.45
N GLN B 325 13.31 36.65 7.04
CA GLN B 325 13.43 36.86 8.49
C GLN B 325 14.11 38.20 8.83
N PRO B 326 13.56 39.33 8.32
CA PRO B 326 14.22 40.61 8.59
C PRO B 326 14.39 40.93 10.07
N GLU B 327 13.41 40.53 10.88
CA GLU B 327 13.46 40.78 12.31
C GLU B 327 14.53 39.95 13.02
N ARG B 328 15.00 38.87 12.42
CA ARG B 328 16.05 38.05 13.04
C ARG B 328 17.43 38.23 12.40
N TYR B 329 17.48 38.95 11.28
CA TYR B 329 18.73 39.09 10.53
C TYR B 329 19.89 39.58 11.38
N LYS B 330 19.68 40.65 12.12
CA LYS B 330 20.78 41.25 12.89
C LYS B 330 21.35 40.27 13.91
N LEU B 331 20.47 39.65 14.69
CA LEU B 331 20.88 38.60 15.65
C LEU B 331 21.58 37.44 14.97
N TRP B 332 21.02 36.99 13.85
CA TRP B 332 21.61 35.88 13.09
C TRP B 332 23.03 36.23 12.67
N LYS B 333 23.20 37.41 12.09
CA LYS B 333 24.54 37.89 11.69
C LYS B 333 25.52 38.02 12.85
N ALA B 334 25.03 38.34 14.04
CA ALA B 334 25.88 38.32 15.22
C ALA B 334 26.17 36.89 15.74
N GLY B 335 25.66 35.85 15.06
CA GLY B 335 25.80 34.47 15.55
C GLY B 335 25.00 34.17 16.80
N LYS B 336 23.90 34.87 17.04
CA LYS B 336 23.15 34.67 18.28
C LYS B 336 21.69 34.25 18.03
N ASP B 337 21.35 33.82 16.81
CA ASP B 337 20.05 33.21 16.56
C ASP B 337 20.05 31.75 17.08
N ASN B 338 19.24 31.48 18.10
CA ASN B 338 19.14 30.16 18.75
C ASN B 338 17.80 29.45 18.48
N THR B 339 17.11 29.81 17.38
CA THR B 339 15.90 29.12 16.94
C THR B 339 16.16 27.60 16.91
N VAL B 340 15.24 26.84 17.51
CA VAL B 340 15.25 25.38 17.56
C VAL B 340 14.23 24.92 16.52
N ILE B 341 14.62 24.01 15.63
CA ILE B 341 13.69 23.50 14.59
C ILE B 341 12.73 22.48 15.21
N ASP B 342 11.43 22.64 14.95
CA ASP B 342 10.41 21.64 15.23
C ASP B 342 10.06 21.00 13.90
N HIS B 343 10.53 19.75 13.74
CA HIS B 343 10.33 18.98 12.51
C HIS B 343 8.89 18.62 12.18
N THR B 344 7.97 18.78 13.12
CA THR B 344 6.56 18.46 12.89
C THR B 344 5.71 19.59 12.29
N LEU B 345 6.11 20.86 12.47
CA LEU B 345 5.33 21.98 11.94
C LEU B 345 5.31 22.04 10.41
N PRO B 346 4.12 22.32 9.81
CA PRO B 346 4.05 22.60 8.36
C PRO B 346 4.64 23.97 7.96
N THR B 347 4.94 24.16 6.66
CA THR B 347 5.50 25.45 6.18
C THR B 347 4.47 26.56 6.44
N PRO B 348 4.93 27.83 6.65
CA PRO B 348 3.98 28.96 6.77
C PRO B 348 2.88 28.96 5.70
N GLU B 349 3.28 28.74 4.43
CA GLU B 349 2.39 28.66 3.24
C GLU B 349 1.14 27.72 3.40
N ALA B 350 1.21 26.75 4.33
CA ALA B 350 0.14 25.75 4.58
C ALA B 350 -1.05 26.19 5.48
N ALA B 351 -1.03 27.44 5.98
CA ALA B 351 -2.13 27.97 6.84
C ALA B 351 -3.47 28.09 6.09
N GLU B 352 -3.38 28.42 4.80
CA GLU B 352 -4.49 28.32 3.84
C GLU B 352 -5.35 27.03 3.95
N PHE B 353 -4.71 25.88 4.21
CA PHE B 353 -5.35 24.56 4.26
C PHE B 353 -5.69 24.07 5.68
C01 5YQ C . -20.03 -10.37 6.26
C02 5YQ C . -20.47 -9.76 5.10
C03 5YQ C . -19.67 -9.83 3.97
C04 5YQ C . -18.47 -10.50 4.06
N05 5YQ C . -18.03 -11.10 5.17
C06 5YQ C . -18.80 -11.02 6.27
C07 5YQ C . -21.79 -9.04 5.06
O08 5YQ C . -22.17 -8.48 6.12
O09 5YQ C . -22.43 -9.04 3.99
C10 5YQ C . -18.32 -11.65 7.43
N11 5YQ C . -17.58 -12.76 7.28
C12 5YQ C . -17.12 -13.36 8.40
N13 5YQ C . -17.34 -12.93 9.67
C14 5YQ C . -18.08 -11.82 9.78
C15 5YQ C . -18.59 -11.16 8.70
N16 5YQ C . -16.38 -14.46 8.25
C17 5YQ C . -16.00 -15.34 9.34
C18 5YQ C . -17.18 -15.97 10.04
C19 5YQ C . -18.37 -16.16 9.38
N20 5YQ C . -19.45 -16.71 9.94
C21 5YQ C . -19.37 -17.07 11.22
C22 5YQ C . -18.22 -16.92 11.97
C23 5YQ C . -17.11 -16.36 11.36
FE FE2 D . -16.21 -12.18 5.39
S SO4 E . -6.03 1.80 19.84
O1 SO4 E . -4.61 2.21 19.93
O2 SO4 E . -6.04 0.52 19.08
O3 SO4 E . -6.85 2.83 19.16
O4 SO4 E . -6.61 1.53 21.17
S SO4 F . -34.25 -2.89 22.15
O1 SO4 F . -33.44 -1.66 21.95
O2 SO4 F . -33.87 -3.85 21.11
O3 SO4 F . -35.69 -2.58 21.93
O4 SO4 F . -33.97 -3.48 23.49
ZN ZN G . -8.55 -11.01 19.79
CL CL H . -24.82 14.14 2.74
C01 5YQ I . 19.93 10.49 -5.93
C02 5YQ I . 18.86 9.62 -6.13
C03 5YQ I . 17.78 9.70 -5.27
C04 5YQ I . 17.81 10.63 -4.25
N05 5YQ I . 18.83 11.46 -4.05
C06 5YQ I . 19.89 11.39 -4.88
C07 5YQ I . 18.89 8.64 -7.26
O08 5YQ I . 20.00 8.16 -7.59
O09 5YQ I . 17.79 8.35 -7.81
C10 5YQ I . 20.95 12.28 -4.63
N11 5YQ I . 20.66 13.47 -4.08
C12 5YQ I . 21.68 14.32 -3.85
N13 5YQ I . 22.97 14.07 -4.14
C14 5YQ I . 23.23 12.89 -4.70
C15 5YQ I . 22.25 11.96 -4.96
N16 5YQ I . 21.39 15.49 -3.29
C17 5YQ I . 22.32 16.61 -3.21
C18 5YQ I . 22.83 17.06 -4.55
C19 5YQ I . 22.14 16.75 -5.71
N20 5YQ I . 22.53 17.13 -6.94
C21 5YQ I . 23.66 17.83 -7.03
C22 5YQ I . 24.41 18.19 -5.94
C23 5YQ I . 23.99 17.80 -4.69
FE FE2 J . 18.91 12.95 -2.56
S SO4 K . 36.07 3.98 9.49
O1 SO4 K . 35.53 2.79 8.79
O2 SO4 K . 36.11 3.66 10.93
O3 SO4 K . 35.17 5.12 9.21
O4 SO4 K . 37.45 4.34 9.07
S SO4 L . 36.69 2.63 -19.05
O1 SO4 L . 37.08 4.03 -18.70
O2 SO4 L . 37.68 2.14 -20.06
O3 SO4 L . 35.31 2.63 -19.61
O4 SO4 L . 36.76 1.72 -17.87
ZN ZN M . 33.39 15.71 4.14
CL CL N . 25.93 32.72 4.89
CL CL O . 2.50 12.97 17.39
CL CL P . 18.02 -3.41 -25.13
#